data_4QCI
#
_entry.id   4QCI
#
_cell.length_a   90.150
_cell.length_b   68.470
_cell.length_c   95.250
_cell.angle_alpha   90.00
_cell.angle_beta   97.56
_cell.angle_gamma   90.00
#
_symmetry.space_group_name_H-M   'P 1 21 1'
#
loop_
_entity.id
_entity.type
_entity.pdbx_description
1 polymer 'anti-PDGF-BB antibody -  Light Chain'
2 polymer 'anti-PDGF-BB antibody - Heavy chain'
3 polymer 'Platelet-derived growth factor subunit B'
4 water water
#
loop_
_entity_poly.entity_id
_entity_poly.type
_entity_poly.pdbx_seq_one_letter_code
_entity_poly.pdbx_strand_id
1 'polypeptide(L)'
;SYELTQPPSVSVAPGQTARISCSGDSLGSYFVHWYQQKPGQAPVLVIYDDSNRPSGIPERFSGSNSGNTATLTISGTQAE
DEADYYCSAFTHNSDVFGGGTKLTVLPKSTPTLTVFPPSSEELKENKATLVCLISNFSPSGVTVAWKANGTPITQGVDTS
NPTKEGNKFMASSFLHLTSDQWRSHNSFTCQVTHEGDTVEKSLSPAECL
;
A,L
2 'polypeptide(L)'
;EVQLVESGGGLVQPGGSLRLSCAASGFTFSSYAMSWVRQAPGKGLEWVSYISDDGSLKYYADSVKGRFTISRDNSKNTLY
LQMNSLRAEDTAVYYCARHPYWYGGQLDLWGQGTLVTVSSAKTTPPSVYPLAPGSAAQTNSMVTLGCLVKGYFPEPVTVT
WNSGSLSSGVHTFPAVLQSDLYTLSSSVTVPSSTWPSETVTCNVAHPASSTKVDKKIVPRDCG
;
B,H
3 'polypeptide(L)'
;MSLGSLTIAEPAMIAECKTRTEVFEISRRLIDRTNANFLVWPPCVEVQRCSGCCNNRNVQCRPTQVQLRPVQVRKIEIVR
KKPIFKKATVTLEDHLACKCETVAAARPVT
;
C,D
#
# COMPACT_ATOMS: atom_id res chain seq x y z
N TYR A 2 6.88 -32.69 -29.56
CA TYR A 2 5.89 -33.71 -29.91
C TYR A 2 4.69 -33.15 -30.67
N GLU A 3 3.45 -33.53 -30.26
CA GLU A 3 2.21 -33.20 -30.95
C GLU A 3 0.95 -33.11 -30.08
N LEU A 4 0.02 -32.22 -30.49
CA LEU A 4 -1.29 -32.02 -29.88
C LEU A 4 -2.23 -32.97 -30.63
N THR A 5 -2.71 -34.00 -29.93
CA THR A 5 -3.53 -35.07 -30.53
C THR A 5 -5.03 -34.83 -30.48
N GLN A 6 -5.68 -34.93 -31.64
CA GLN A 6 -7.13 -34.76 -31.79
C GLN A 6 -7.66 -35.93 -32.59
N PRO A 7 -8.91 -36.39 -32.34
CA PRO A 7 -9.49 -37.46 -33.21
C PRO A 7 -9.66 -36.90 -34.63
N PRO A 8 -9.29 -37.61 -35.72
CA PRO A 8 -9.43 -37.04 -37.06
C PRO A 8 -10.85 -36.64 -37.45
N SER A 9 -11.85 -37.29 -36.85
CA SER A 9 -13.25 -37.02 -37.11
C SER A 9 -14.14 -37.35 -35.94
N VAL A 10 -15.22 -36.57 -35.78
CA VAL A 10 -16.26 -36.76 -34.78
C VAL A 10 -17.63 -36.63 -35.48
N SER A 11 -18.49 -37.65 -35.33
CA SER A 11 -19.83 -37.68 -35.90
C SER A 11 -20.86 -37.60 -34.81
N VAL A 12 -21.84 -36.71 -34.97
CA VAL A 12 -22.96 -36.50 -34.03
C VAL A 12 -24.29 -36.35 -34.77
N ALA A 13 -25.42 -36.62 -34.09
CA ALA A 13 -26.75 -36.46 -34.66
C ALA A 13 -27.16 -35.00 -34.45
N PRO A 14 -27.98 -34.37 -35.33
CA PRO A 14 -28.37 -32.96 -35.07
C PRO A 14 -29.03 -32.80 -33.70
N GLY A 15 -28.66 -31.74 -32.98
CA GLY A 15 -29.17 -31.46 -31.64
C GLY A 15 -28.42 -32.12 -30.50
N GLN A 16 -27.52 -33.08 -30.81
CA GLN A 16 -26.70 -33.76 -29.78
C GLN A 16 -25.47 -32.95 -29.43
N THR A 17 -24.75 -33.41 -28.41
CA THR A 17 -23.57 -32.75 -27.91
C THR A 17 -22.32 -33.34 -28.53
N ALA A 18 -21.55 -32.50 -29.22
CA ALA A 18 -20.29 -32.90 -29.82
C ALA A 18 -19.15 -32.60 -28.84
N ARG A 19 -18.24 -33.56 -28.69
CA ARG A 19 -17.08 -33.42 -27.81
C ARG A 19 -15.82 -33.73 -28.60
N ILE A 20 -14.95 -32.73 -28.74
CA ILE A 20 -13.71 -32.85 -29.49
C ILE A 20 -12.59 -32.67 -28.49
N SER A 21 -11.76 -33.71 -28.37
CA SER A 21 -10.63 -33.72 -27.44
C SER A 21 -9.32 -33.27 -28.09
N CYS A 22 -8.37 -32.89 -27.25
CA CYS A 22 -7.05 -32.42 -27.64
C CYS A 22 -6.12 -32.83 -26.51
N SER A 23 -5.14 -33.68 -26.80
CA SER A 23 -4.20 -34.20 -25.80
C SER A 23 -2.78 -33.77 -26.06
N GLY A 24 -2.09 -33.44 -24.98
CA GLY A 24 -0.69 -33.05 -24.97
C GLY A 24 -0.09 -33.18 -23.60
N ASP A 25 1.26 -33.33 -23.54
CA ASP A 25 2.03 -33.49 -22.30
C ASP A 25 1.84 -32.26 -21.40
N SER A 26 1.19 -32.46 -20.23
CA SER A 26 0.88 -31.43 -19.23
C SER A 26 0.07 -30.24 -19.80
N LEU A 27 -0.84 -30.53 -20.76
CA LEU A 27 -1.68 -29.54 -21.44
C LEU A 27 -2.50 -28.65 -20.49
N GLY A 28 -2.89 -29.23 -19.36
CA GLY A 28 -3.64 -28.53 -18.31
C GLY A 28 -2.91 -27.35 -17.71
N SER A 29 -1.56 -27.36 -17.79
CA SER A 29 -0.72 -26.27 -17.29
C SER A 29 -0.46 -25.16 -18.34
N TYR A 30 -1.16 -25.23 -19.49
CA TYR A 30 -1.11 -24.26 -20.58
C TYR A 30 -2.51 -23.81 -20.97
N PHE A 31 -2.61 -22.72 -21.74
CA PHE A 31 -3.89 -22.15 -22.18
C PHE A 31 -4.25 -22.66 -23.57
N VAL A 32 -5.44 -23.31 -23.69
CA VAL A 32 -5.93 -23.92 -24.93
C VAL A 32 -6.98 -23.06 -25.63
N HIS A 33 -6.73 -22.82 -26.92
CA HIS A 33 -7.62 -22.08 -27.80
C HIS A 33 -8.17 -23.02 -28.86
N TRP A 34 -9.39 -22.76 -29.33
CA TRP A 34 -10.06 -23.56 -30.35
C TRP A 34 -10.46 -22.69 -31.53
N TYR A 35 -10.17 -23.21 -32.73
CA TYR A 35 -10.47 -22.57 -34.00
C TYR A 35 -11.41 -23.42 -34.82
N GLN A 36 -12.40 -22.77 -35.44
CA GLN A 36 -13.36 -23.38 -36.33
C GLN A 36 -12.99 -22.94 -37.77
N GLN A 37 -12.84 -23.91 -38.68
CA GLN A 37 -12.53 -23.58 -40.06
C GLN A 37 -13.44 -24.31 -41.02
N LYS A 38 -14.12 -23.53 -41.86
CA LYS A 38 -15.01 -24.02 -42.91
C LYS A 38 -14.23 -24.00 -44.22
N PRO A 39 -14.53 -24.91 -45.19
CA PRO A 39 -13.74 -24.94 -46.43
C PRO A 39 -13.66 -23.62 -47.16
N GLY A 40 -12.45 -23.26 -47.59
CA GLY A 40 -12.20 -22.01 -48.29
C GLY A 40 -12.22 -20.79 -47.40
N GLN A 41 -12.30 -20.98 -46.07
CA GLN A 41 -12.36 -19.87 -45.12
C GLN A 41 -11.17 -19.88 -44.19
N ALA A 42 -10.90 -18.72 -43.57
CA ALA A 42 -9.84 -18.54 -42.59
C ALA A 42 -10.35 -19.12 -41.25
N PRO A 43 -9.45 -19.62 -40.36
CA PRO A 43 -9.93 -20.12 -39.05
C PRO A 43 -10.60 -19.03 -38.23
N VAL A 44 -11.59 -19.41 -37.41
CA VAL A 44 -12.31 -18.49 -36.51
C VAL A 44 -12.10 -18.94 -35.07
N LEU A 45 -11.68 -18.01 -34.20
CA LEU A 45 -11.50 -18.28 -32.78
C LEU A 45 -12.87 -18.45 -32.12
N VAL A 46 -13.16 -19.67 -31.62
CA VAL A 46 -14.41 -20.01 -30.93
C VAL A 46 -14.28 -20.09 -29.40
N ILE A 47 -13.09 -20.49 -28.90
CA ILE A 47 -12.76 -20.59 -27.47
C ILE A 47 -11.30 -20.18 -27.29
N TYR A 48 -11.02 -19.37 -26.26
CA TYR A 48 -9.66 -18.96 -25.91
C TYR A 48 -9.49 -19.19 -24.44
N ASP A 49 -8.26 -19.49 -23.99
CA ASP A 49 -7.93 -19.74 -22.57
C ASP A 49 -8.85 -20.79 -21.93
N ASP A 50 -8.87 -21.97 -22.53
CA ASP A 50 -9.61 -23.17 -22.09
C ASP A 50 -11.12 -23.13 -22.23
N SER A 51 -11.79 -22.05 -21.73
CA SER A 51 -13.25 -21.95 -21.64
C SER A 51 -13.89 -20.64 -22.07
N ASN A 52 -13.08 -19.65 -22.49
CA ASN A 52 -13.63 -18.34 -22.82
C ASN A 52 -14.11 -18.19 -24.23
N ARG A 53 -15.33 -17.68 -24.36
CA ARG A 53 -15.98 -17.45 -25.63
C ARG A 53 -15.78 -16.01 -26.06
N PRO A 54 -15.19 -15.76 -27.24
CA PRO A 54 -15.10 -14.37 -27.73
C PRO A 54 -16.51 -13.85 -28.02
N SER A 55 -16.68 -12.51 -28.07
CA SER A 55 -17.97 -11.89 -28.37
C SER A 55 -18.42 -12.30 -29.78
N GLY A 56 -19.69 -12.69 -29.90
CA GLY A 56 -20.25 -13.13 -31.17
C GLY A 56 -20.25 -14.63 -31.37
N ILE A 57 -19.70 -15.37 -30.40
CA ILE A 57 -19.64 -16.82 -30.42
C ILE A 57 -20.81 -17.39 -29.61
N PRO A 58 -21.64 -18.29 -30.21
CA PRO A 58 -22.79 -18.85 -29.47
C PRO A 58 -22.46 -19.59 -28.19
N GLU A 59 -23.41 -19.57 -27.21
CA GLU A 59 -23.34 -20.21 -25.89
C GLU A 59 -23.15 -21.74 -25.96
N ARG A 60 -23.46 -22.34 -27.13
CA ARG A 60 -23.33 -23.78 -27.45
C ARG A 60 -21.90 -24.25 -27.27
N PHE A 61 -20.94 -23.35 -27.60
CA PHE A 61 -19.51 -23.61 -27.54
C PHE A 61 -19.04 -23.38 -26.14
N SER A 62 -18.37 -24.38 -25.58
CA SER A 62 -17.79 -24.31 -24.26
C SER A 62 -16.55 -25.20 -24.28
N GLY A 63 -15.63 -24.93 -23.38
CA GLY A 63 -14.42 -25.72 -23.31
C GLY A 63 -13.93 -25.96 -21.92
N SER A 64 -12.99 -26.88 -21.79
CA SER A 64 -12.36 -27.23 -20.53
C SER A 64 -10.97 -27.79 -20.81
N ASN A 65 -10.08 -27.63 -19.85
CA ASN A 65 -8.70 -28.11 -19.92
C ASN A 65 -8.25 -28.40 -18.51
N SER A 66 -7.82 -29.65 -18.30
CA SER A 66 -7.32 -30.21 -17.04
C SER A 66 -6.46 -31.39 -17.36
N GLY A 67 -5.39 -31.54 -16.59
CA GLY A 67 -4.40 -32.60 -16.73
C GLY A 67 -3.64 -32.62 -18.03
N ASN A 68 -4.08 -33.50 -18.89
CA ASN A 68 -3.45 -33.86 -20.14
C ASN A 68 -4.35 -33.54 -21.36
N THR A 69 -5.64 -33.23 -21.11
CA THR A 69 -6.63 -33.12 -22.18
C THR A 69 -7.51 -31.90 -22.11
N ALA A 70 -7.64 -31.22 -23.28
CA ALA A 70 -8.57 -30.12 -23.45
C ALA A 70 -9.74 -30.67 -24.26
N THR A 71 -10.95 -30.19 -23.98
CA THR A 71 -12.14 -30.64 -24.67
C THR A 71 -12.99 -29.46 -25.10
N LEU A 72 -13.41 -29.46 -26.37
CA LEU A 72 -14.33 -28.48 -26.91
C LEU A 72 -15.71 -29.14 -26.88
N THR A 73 -16.71 -28.45 -26.34
CA THR A 73 -18.06 -28.99 -26.26
C THR A 73 -19.01 -28.10 -27.05
N ILE A 74 -19.79 -28.72 -27.94
CA ILE A 74 -20.79 -28.03 -28.73
C ILE A 74 -22.13 -28.70 -28.42
N SER A 75 -22.96 -28.07 -27.58
CA SER A 75 -24.28 -28.58 -27.24
C SER A 75 -25.26 -28.13 -28.33
N GLY A 76 -26.29 -28.94 -28.59
CA GLY A 76 -27.29 -28.67 -29.61
C GLY A 76 -26.70 -28.46 -30.99
N THR A 77 -25.79 -29.38 -31.41
CA THR A 77 -25.08 -29.33 -32.71
C THR A 77 -26.03 -29.22 -33.91
N GLN A 78 -25.83 -28.15 -34.73
CA GLN A 78 -26.55 -27.86 -35.97
C GLN A 78 -25.65 -28.12 -37.18
N ALA A 79 -26.25 -28.09 -38.41
CA ALA A 79 -25.52 -28.26 -39.68
C ALA A 79 -24.42 -27.21 -39.85
N GLU A 80 -24.66 -25.97 -39.39
CA GLU A 80 -23.72 -24.84 -39.47
C GLU A 80 -22.44 -25.01 -38.62
N ASP A 81 -22.40 -26.04 -37.74
CA ASP A 81 -21.28 -26.37 -36.86
C ASP A 81 -20.36 -27.39 -37.53
N GLU A 82 -20.77 -27.91 -38.70
CA GLU A 82 -19.98 -28.84 -39.52
C GLU A 82 -18.80 -28.03 -40.06
N ALA A 83 -17.60 -28.42 -39.64
CA ALA A 83 -16.34 -27.73 -39.92
C ALA A 83 -15.17 -28.55 -39.38
N ASP A 84 -13.94 -28.01 -39.58
CA ASP A 84 -12.70 -28.53 -39.02
C ASP A 84 -12.43 -27.71 -37.75
N TYR A 85 -12.08 -28.39 -36.67
CA TYR A 85 -11.80 -27.77 -35.38
C TYR A 85 -10.38 -28.05 -35.00
N TYR A 86 -9.61 -26.99 -34.71
CA TYR A 86 -8.21 -27.08 -34.31
C TYR A 86 -8.01 -26.55 -32.91
N CYS A 87 -7.35 -27.34 -32.05
CA CYS A 87 -6.97 -26.86 -30.74
C CYS A 87 -5.60 -26.21 -30.92
N SER A 88 -5.25 -25.27 -30.03
CA SER A 88 -3.97 -24.59 -30.09
C SER A 88 -3.50 -24.23 -28.72
N ALA A 89 -2.20 -24.35 -28.50
CA ALA A 89 -1.52 -23.99 -27.26
C ALA A 89 -0.03 -23.80 -27.56
N PHE A 90 0.59 -22.83 -26.88
CA PHE A 90 2.02 -22.55 -26.97
C PHE A 90 2.61 -23.20 -25.73
N THR A 91 3.17 -24.40 -25.92
CA THR A 91 3.72 -25.29 -24.88
C THR A 91 5.23 -25.49 -25.12
N HIS A 92 5.85 -26.44 -24.38
CA HIS A 92 7.26 -26.77 -24.56
C HIS A 92 7.53 -27.61 -25.82
N ASN A 93 6.50 -28.37 -26.32
CA ASN A 93 6.57 -29.15 -27.57
C ASN A 93 6.41 -28.23 -28.82
N SER A 94 7.04 -28.61 -29.95
CA SER A 94 7.07 -27.85 -31.22
C SER A 94 5.73 -27.53 -31.92
N ASP A 95 4.64 -28.33 -31.69
CA ASP A 95 3.34 -28.08 -32.34
C ASP A 95 2.40 -27.12 -31.60
N VAL A 96 2.10 -25.98 -32.26
CA VAL A 96 1.21 -24.92 -31.77
C VAL A 96 -0.28 -25.29 -32.03
N PHE A 97 -0.53 -26.15 -33.01
CA PHE A 97 -1.88 -26.58 -33.34
C PHE A 97 -1.97 -28.09 -33.31
N GLY A 98 -3.17 -28.58 -33.01
CA GLY A 98 -3.51 -29.98 -33.11
C GLY A 98 -3.73 -30.33 -34.59
N GLY A 99 -3.80 -31.62 -34.90
CA GLY A 99 -4.01 -32.10 -36.27
C GLY A 99 -5.35 -31.79 -36.91
N GLY A 100 -6.31 -31.38 -36.08
CA GLY A 100 -7.68 -31.06 -36.49
C GLY A 100 -8.65 -32.21 -36.39
N THR A 101 -9.94 -31.86 -36.22
CA THR A 101 -11.05 -32.80 -36.17
C THR A 101 -12.14 -32.27 -37.08
N LYS A 102 -12.55 -33.11 -38.03
CA LYS A 102 -13.67 -32.73 -38.88
C LYS A 102 -14.96 -33.16 -38.17
N LEU A 103 -15.84 -32.19 -37.90
CA LEU A 103 -17.14 -32.45 -37.28
C LEU A 103 -18.19 -32.66 -38.37
N THR A 104 -18.85 -33.82 -38.34
CA THR A 104 -19.90 -34.18 -39.27
C THR A 104 -21.21 -34.42 -38.52
N VAL A 105 -22.32 -34.02 -39.13
CA VAL A 105 -23.66 -34.18 -38.59
C VAL A 105 -24.39 -35.29 -39.36
N LEU A 106 -24.89 -36.32 -38.62
CA LEU A 106 -25.65 -37.46 -39.14
C LEU A 106 -26.91 -37.00 -39.93
N PRO A 107 -27.44 -37.79 -40.90
CA PRO A 107 -27.08 -39.16 -41.27
C PRO A 107 -25.83 -39.35 -42.13
N LYS A 108 -25.19 -40.51 -41.91
CA LYS A 108 -24.04 -40.95 -42.69
C LYS A 108 -24.49 -41.34 -44.10
N SER A 109 -23.57 -41.25 -45.07
CA SER A 109 -23.87 -41.55 -46.46
C SER A 109 -22.79 -42.46 -47.04
N THR A 110 -23.19 -43.60 -47.62
CA THR A 110 -22.28 -44.57 -48.22
C THR A 110 -21.76 -44.05 -49.58
N PRO A 111 -20.46 -44.29 -49.92
CA PRO A 111 -19.96 -43.82 -51.23
C PRO A 111 -20.56 -44.56 -52.43
N THR A 112 -20.81 -43.82 -53.52
CA THR A 112 -21.28 -44.38 -54.78
C THR A 112 -20.05 -44.40 -55.70
N LEU A 113 -19.77 -45.54 -56.38
CA LEU A 113 -18.60 -45.58 -57.26
C LEU A 113 -19.00 -45.47 -58.74
N THR A 114 -18.12 -44.87 -59.53
CA THR A 114 -18.21 -44.72 -60.98
C THR A 114 -16.79 -45.05 -61.46
N VAL A 115 -16.67 -46.11 -62.27
CA VAL A 115 -15.36 -46.56 -62.75
C VAL A 115 -15.27 -46.50 -64.28
N PHE A 116 -14.14 -46.02 -64.78
CA PHE A 116 -13.93 -45.88 -66.22
C PHE A 116 -12.73 -46.66 -66.71
N PRO A 117 -12.87 -47.40 -67.83
CA PRO A 117 -11.70 -48.10 -68.39
C PRO A 117 -10.82 -47.13 -69.18
N PRO A 118 -9.55 -47.47 -69.54
CA PRO A 118 -8.77 -46.54 -70.37
C PRO A 118 -9.39 -46.31 -71.75
N SER A 119 -9.24 -45.10 -72.30
CA SER A 119 -9.72 -44.75 -73.65
C SER A 119 -8.81 -45.44 -74.69
N SER A 120 -9.27 -45.52 -75.95
CA SER A 120 -8.50 -46.09 -77.06
C SER A 120 -7.31 -45.17 -77.34
N GLU A 121 -7.55 -43.85 -77.23
CA GLU A 121 -6.55 -42.79 -77.42
C GLU A 121 -5.34 -42.98 -76.51
N GLU A 122 -5.58 -43.35 -75.24
CA GLU A 122 -4.55 -43.59 -74.23
C GLU A 122 -3.86 -44.94 -74.43
N LEU A 123 -4.60 -45.98 -74.87
CA LEU A 123 -4.06 -47.32 -75.15
C LEU A 123 -3.18 -47.25 -76.41
N LYS A 124 -3.50 -46.33 -77.34
CA LYS A 124 -2.69 -46.07 -78.54
C LYS A 124 -1.32 -45.48 -78.12
N GLU A 125 -1.26 -44.79 -76.96
CA GLU A 125 -0.04 -44.19 -76.38
C GLU A 125 0.68 -45.20 -75.45
N ASN A 126 0.22 -46.47 -75.42
CA ASN A 126 0.76 -47.60 -74.61
C ASN A 126 0.59 -47.47 -73.07
N LYS A 127 -0.33 -46.60 -72.66
CA LYS A 127 -0.63 -46.35 -71.25
C LYS A 127 -2.07 -46.74 -70.99
N ALA A 128 -2.45 -46.87 -69.72
CA ALA A 128 -3.82 -47.21 -69.34
C ALA A 128 -4.11 -46.64 -67.97
N THR A 129 -5.00 -45.63 -67.91
CA THR A 129 -5.39 -45.02 -66.64
C THR A 129 -6.81 -45.44 -66.32
N LEU A 130 -6.95 -46.12 -65.18
CA LEU A 130 -8.24 -46.58 -64.65
C LEU A 130 -8.75 -45.53 -63.65
N VAL A 131 -9.96 -45.02 -63.90
CA VAL A 131 -10.57 -43.93 -63.15
C VAL A 131 -11.65 -44.43 -62.18
N CYS A 132 -11.56 -44.05 -60.90
CA CYS A 132 -12.54 -44.38 -59.87
C CYS A 132 -13.02 -43.09 -59.20
N LEU A 133 -14.28 -42.75 -59.43
CA LEU A 133 -14.93 -41.55 -58.90
C LEU A 133 -15.84 -41.88 -57.72
N ILE A 134 -15.49 -41.34 -56.56
CA ILE A 134 -16.14 -41.59 -55.30
C ILE A 134 -16.97 -40.40 -54.86
N SER A 135 -18.29 -40.59 -54.79
CA SER A 135 -19.19 -39.51 -54.45
C SER A 135 -20.26 -39.89 -53.46
N ASN A 136 -21.02 -38.88 -52.98
CA ASN A 136 -22.13 -38.99 -52.04
C ASN A 136 -21.84 -39.68 -50.71
N PHE A 137 -20.61 -39.50 -50.16
CA PHE A 137 -20.23 -40.07 -48.87
C PHE A 137 -20.11 -39.02 -47.78
N SER A 138 -20.50 -39.42 -46.57
CA SER A 138 -20.42 -38.61 -45.36
C SER A 138 -20.28 -39.57 -44.18
N PRO A 139 -19.25 -39.44 -43.29
CA PRO A 139 -18.18 -38.41 -43.26
C PRO A 139 -17.11 -38.57 -44.35
N SER A 140 -16.11 -37.68 -44.37
CA SER A 140 -15.06 -37.57 -45.39
C SER A 140 -14.00 -38.67 -45.47
N GLY A 141 -13.82 -39.45 -44.41
CA GLY A 141 -12.84 -40.54 -44.35
C GLY A 141 -13.15 -41.77 -45.21
N VAL A 142 -12.29 -41.97 -46.23
CA VAL A 142 -12.31 -43.11 -47.15
C VAL A 142 -10.91 -43.71 -47.32
N THR A 143 -10.87 -45.01 -47.56
CA THR A 143 -9.65 -45.77 -47.80
C THR A 143 -9.86 -46.41 -49.17
N VAL A 144 -8.93 -46.19 -50.08
CA VAL A 144 -9.03 -46.72 -51.44
C VAL A 144 -7.93 -47.74 -51.72
N ALA A 145 -8.33 -48.94 -52.15
CA ALA A 145 -7.46 -50.02 -52.54
C ALA A 145 -7.86 -50.50 -53.94
N TRP A 146 -6.88 -50.84 -54.77
CA TRP A 146 -7.14 -51.37 -56.11
C TRP A 146 -6.72 -52.83 -56.16
N LYS A 147 -7.34 -53.61 -57.06
CA LYS A 147 -7.03 -55.03 -57.29
C LYS A 147 -6.85 -55.41 -58.76
N ALA A 148 -5.80 -56.18 -59.07
CA ALA A 148 -5.51 -56.75 -60.39
C ALA A 148 -6.00 -58.20 -60.27
N ASN A 149 -7.07 -58.57 -61.02
CA ASN A 149 -7.78 -59.86 -60.92
C ASN A 149 -8.40 -59.88 -59.51
N GLY A 150 -7.67 -60.44 -58.55
CA GLY A 150 -8.04 -60.48 -57.13
C GLY A 150 -6.88 -60.08 -56.24
N THR A 151 -5.67 -60.00 -56.84
CA THR A 151 -4.40 -59.64 -56.22
C THR A 151 -4.40 -58.13 -55.84
N PRO A 152 -3.94 -57.74 -54.62
CA PRO A 152 -3.89 -56.30 -54.31
C PRO A 152 -2.75 -55.59 -55.05
N ILE A 153 -3.07 -54.49 -55.77
CA ILE A 153 -2.12 -53.69 -56.56
C ILE A 153 -1.81 -52.38 -55.84
N THR A 154 -0.52 -52.05 -55.68
CA THR A 154 -0.09 -50.85 -54.94
C THR A 154 0.49 -49.78 -55.85
N GLN A 155 1.35 -50.21 -56.80
CA GLN A 155 2.03 -49.33 -57.74
C GLN A 155 1.07 -48.65 -58.72
N GLY A 156 1.31 -47.37 -58.96
CA GLY A 156 0.54 -46.56 -59.90
C GLY A 156 -0.77 -46.06 -59.34
N VAL A 157 -0.95 -46.16 -58.00
CA VAL A 157 -2.18 -45.70 -57.33
C VAL A 157 -2.03 -44.28 -56.78
N ASP A 158 -2.95 -43.38 -57.17
CA ASP A 158 -2.99 -42.00 -56.70
C ASP A 158 -4.42 -41.64 -56.32
N THR A 159 -4.65 -41.41 -55.02
CA THR A 159 -5.96 -41.10 -54.43
C THR A 159 -6.00 -39.66 -53.94
N SER A 160 -7.06 -38.93 -54.31
CA SER A 160 -7.24 -37.53 -53.93
C SER A 160 -7.70 -37.38 -52.48
N ASN A 161 -7.59 -36.15 -51.93
CA ASN A 161 -8.14 -35.81 -50.62
C ASN A 161 -9.65 -35.61 -50.88
N PRO A 162 -10.55 -35.84 -49.91
CA PRO A 162 -11.98 -35.55 -50.19
C PRO A 162 -12.28 -34.06 -50.21
N THR A 163 -13.32 -33.65 -50.94
CA THR A 163 -13.77 -32.27 -51.10
C THR A 163 -15.28 -32.21 -50.84
N LYS A 164 -15.72 -31.27 -50.00
CA LYS A 164 -17.11 -31.07 -49.63
C LYS A 164 -17.89 -30.45 -50.77
N GLU A 165 -18.93 -31.17 -51.21
CA GLU A 165 -19.85 -30.83 -52.28
C GLU A 165 -21.20 -30.67 -51.56
N GLY A 166 -21.38 -29.50 -50.95
CA GLY A 166 -22.54 -29.18 -50.13
C GLY A 166 -22.54 -30.02 -48.85
N ASN A 167 -23.42 -31.01 -48.79
CA ASN A 167 -23.61 -31.90 -47.63
C ASN A 167 -22.81 -33.20 -47.67
N LYS A 168 -22.24 -33.54 -48.82
CA LYS A 168 -21.51 -34.79 -49.00
C LYS A 168 -20.10 -34.53 -49.48
N PHE A 169 -19.29 -35.59 -49.53
CA PHE A 169 -17.91 -35.51 -49.97
C PHE A 169 -17.69 -36.28 -51.24
N MET A 170 -16.72 -35.81 -52.03
CA MET A 170 -16.30 -36.45 -53.26
C MET A 170 -14.79 -36.63 -53.31
N ALA A 171 -14.32 -37.76 -53.84
CA ALA A 171 -12.89 -38.05 -53.97
C ALA A 171 -12.68 -38.85 -55.26
N SER A 172 -11.44 -38.97 -55.69
CA SER A 172 -11.11 -39.71 -56.90
C SER A 172 -9.87 -40.57 -56.68
N SER A 173 -9.75 -41.65 -57.45
CA SER A 173 -8.59 -42.52 -57.41
C SER A 173 -8.24 -42.96 -58.80
N PHE A 174 -6.94 -43.02 -59.06
CA PHE A 174 -6.43 -43.40 -60.37
C PHE A 174 -5.43 -44.53 -60.24
N LEU A 175 -5.49 -45.48 -61.18
CA LEU A 175 -4.54 -46.60 -61.27
C LEU A 175 -3.90 -46.55 -62.65
N HIS A 176 -2.64 -46.07 -62.70
CA HIS A 176 -1.89 -45.96 -63.95
C HIS A 176 -1.08 -47.23 -64.24
N LEU A 177 -1.38 -47.84 -65.39
CA LEU A 177 -0.74 -49.06 -65.88
C LEU A 177 -0.29 -48.89 -67.33
N THR A 178 0.46 -49.88 -67.84
CA THR A 178 0.84 -49.96 -69.23
C THR A 178 -0.36 -50.63 -69.91
N SER A 179 -0.50 -50.47 -71.23
CA SER A 179 -1.59 -51.07 -72.00
C SER A 179 -1.51 -52.60 -71.95
N ASP A 180 -0.29 -53.15 -71.84
CA ASP A 180 0.01 -54.58 -71.73
C ASP A 180 -0.49 -55.11 -70.38
N GLN A 181 -0.24 -54.37 -69.28
CA GLN A 181 -0.68 -54.70 -67.92
C GLN A 181 -2.20 -54.71 -67.83
N TRP A 182 -2.87 -53.81 -68.59
CA TRP A 182 -4.33 -53.70 -68.68
C TRP A 182 -4.87 -54.96 -69.35
N ARG A 183 -4.35 -55.28 -70.54
CA ARG A 183 -4.72 -56.44 -71.35
C ARG A 183 -4.47 -57.80 -70.70
N SER A 184 -3.33 -57.98 -70.00
CA SER A 184 -2.95 -59.24 -69.34
C SER A 184 -3.90 -59.76 -68.24
N HIS A 185 -4.49 -58.85 -67.43
CA HIS A 185 -5.38 -59.22 -66.34
C HIS A 185 -6.83 -59.38 -66.79
N ASN A 186 -7.59 -60.20 -66.04
CA ASN A 186 -9.01 -60.52 -66.30
C ASN A 186 -9.95 -59.41 -65.80
N SER A 187 -9.64 -58.84 -64.63
CA SER A 187 -10.39 -57.77 -64.02
C SER A 187 -9.49 -56.82 -63.20
N PHE A 188 -10.05 -55.70 -62.80
CA PHE A 188 -9.46 -54.67 -61.95
C PHE A 188 -10.57 -54.16 -61.05
N THR A 189 -10.28 -53.93 -59.78
CA THR A 189 -11.29 -53.53 -58.82
C THR A 189 -10.88 -52.32 -58.02
N CYS A 190 -11.78 -51.34 -57.91
CA CYS A 190 -11.62 -50.16 -57.06
C CYS A 190 -12.42 -50.48 -55.82
N GLN A 191 -11.74 -50.61 -54.68
CA GLN A 191 -12.37 -50.92 -53.40
C GLN A 191 -12.25 -49.73 -52.46
N VAL A 192 -13.41 -49.22 -52.01
CA VAL A 192 -13.48 -48.06 -51.12
C VAL A 192 -14.02 -48.46 -49.76
N THR A 193 -13.21 -48.22 -48.69
CA THR A 193 -13.57 -48.49 -47.30
C THR A 193 -14.02 -47.18 -46.64
N HIS A 194 -15.26 -47.15 -46.15
CA HIS A 194 -15.88 -45.99 -45.53
C HIS A 194 -16.74 -46.42 -44.34
N GLU A 195 -16.30 -46.05 -43.12
CA GLU A 195 -16.95 -46.37 -41.84
C GLU A 195 -17.01 -47.89 -41.60
N GLY A 196 -15.93 -48.57 -41.96
CA GLY A 196 -15.79 -50.02 -41.84
C GLY A 196 -16.51 -50.85 -42.91
N ASP A 197 -17.11 -50.19 -43.91
CA ASP A 197 -17.83 -50.85 -45.00
C ASP A 197 -17.09 -50.73 -46.32
N THR A 198 -17.05 -51.83 -47.13
CA THR A 198 -16.42 -51.79 -48.45
C THR A 198 -17.45 -51.69 -49.56
N VAL A 199 -17.09 -50.94 -50.61
CA VAL A 199 -17.84 -50.74 -51.84
C VAL A 199 -16.84 -51.05 -52.98
N GLU A 200 -17.30 -51.80 -53.99
CA GLU A 200 -16.47 -52.23 -55.13
C GLU A 200 -17.19 -52.04 -56.45
N LYS A 201 -16.41 -51.79 -57.49
CA LYS A 201 -16.82 -51.75 -58.89
C LYS A 201 -15.64 -52.30 -59.66
N SER A 202 -15.91 -53.17 -60.63
CA SER A 202 -14.85 -53.78 -61.41
C SER A 202 -14.90 -53.40 -62.88
N LEU A 203 -13.74 -53.55 -63.54
CA LEU A 203 -13.51 -53.28 -64.95
C LEU A 203 -12.88 -54.51 -65.57
N SER A 204 -13.33 -54.89 -66.77
CA SER A 204 -12.81 -56.06 -67.46
C SER A 204 -12.29 -55.71 -68.86
N PRO A 205 -10.97 -55.90 -69.08
CA PRO A 205 -10.38 -55.63 -70.40
C PRO A 205 -11.06 -56.34 -71.57
N ALA A 206 -11.52 -57.60 -71.36
CA ALA A 206 -12.23 -58.39 -72.38
C ALA A 206 -13.65 -57.88 -72.73
N GLU A 207 -14.04 -56.73 -72.14
CA GLU A 207 -15.29 -55.97 -72.31
C GLU A 207 -16.49 -56.58 -71.61
N GLU B 1 -13.59 -0.67 -39.81
CA GLU B 1 -13.73 -2.13 -39.89
C GLU B 1 -12.35 -2.81 -39.88
N VAL B 2 -12.12 -3.58 -38.82
CA VAL B 2 -10.88 -4.34 -38.58
C VAL B 2 -10.66 -5.39 -39.71
N GLN B 3 -9.43 -5.42 -40.27
CA GLN B 3 -9.10 -6.27 -41.42
C GLN B 3 -7.59 -6.51 -41.55
N LEU B 4 -7.26 -7.65 -42.20
CA LEU B 4 -5.90 -8.10 -42.52
C LEU B 4 -5.94 -8.66 -43.93
N VAL B 5 -5.02 -8.21 -44.80
CA VAL B 5 -4.98 -8.64 -46.20
C VAL B 5 -3.56 -9.08 -46.62
N GLU B 6 -3.38 -10.37 -46.85
CA GLU B 6 -2.10 -10.94 -47.31
C GLU B 6 -1.95 -10.81 -48.79
N SER B 7 -0.70 -10.63 -49.23
CA SER B 7 -0.34 -10.54 -50.65
C SER B 7 1.11 -11.02 -50.87
N GLY B 8 1.47 -11.28 -52.12
CA GLY B 8 2.81 -11.71 -52.44
C GLY B 8 2.96 -13.16 -52.78
N GLY B 9 1.91 -13.93 -52.59
CA GLY B 9 1.88 -15.34 -52.93
C GLY B 9 1.94 -15.55 -54.42
N GLY B 10 2.57 -16.65 -54.81
CA GLY B 10 2.72 -17.03 -56.20
C GLY B 10 3.40 -18.35 -56.34
N LEU B 11 3.67 -18.72 -57.58
CA LEU B 11 4.39 -19.92 -57.95
C LEU B 11 5.85 -19.57 -57.91
N VAL B 12 6.68 -20.41 -57.28
CA VAL B 12 8.10 -20.19 -57.13
C VAL B 12 8.86 -21.54 -57.22
N GLN B 13 10.12 -21.50 -57.66
CA GLN B 13 10.97 -22.68 -57.82
C GLN B 13 11.67 -23.05 -56.53
N PRO B 14 11.96 -24.35 -56.28
CA PRO B 14 12.73 -24.69 -55.07
C PRO B 14 14.09 -23.98 -55.02
N GLY B 15 14.47 -23.49 -53.82
CA GLY B 15 15.68 -22.73 -53.59
C GLY B 15 15.45 -21.25 -53.84
N GLY B 16 14.30 -20.91 -54.42
CA GLY B 16 13.93 -19.53 -54.69
C GLY B 16 13.44 -18.76 -53.47
N SER B 17 13.14 -17.48 -53.66
CA SER B 17 12.67 -16.62 -52.58
C SER B 17 11.38 -15.85 -52.92
N LEU B 18 10.62 -15.51 -51.87
CA LEU B 18 9.37 -14.76 -51.97
C LEU B 18 9.19 -13.94 -50.70
N ARG B 19 8.69 -12.71 -50.83
CA ARG B 19 8.37 -11.90 -49.68
C ARG B 19 6.85 -11.71 -49.65
N LEU B 20 6.23 -12.09 -48.50
CA LEU B 20 4.80 -11.93 -48.26
C LEU B 20 4.55 -10.69 -47.46
N SER B 21 3.45 -9.99 -47.76
CA SER B 21 3.05 -8.79 -47.05
C SER B 21 1.66 -9.00 -46.48
N CYS B 22 1.36 -8.28 -45.41
CA CYS B 22 0.07 -8.33 -44.76
C CYS B 22 -0.31 -6.91 -44.36
N ALA B 23 -1.33 -6.36 -45.03
CA ALA B 23 -1.79 -5.01 -44.76
C ALA B 23 -2.87 -5.00 -43.69
N ALA B 24 -2.60 -4.31 -42.57
CA ALA B 24 -3.52 -4.14 -41.47
C ALA B 24 -4.30 -2.82 -41.61
N SER B 25 -5.61 -2.84 -41.25
CA SER B 25 -6.47 -1.66 -41.28
C SER B 25 -7.59 -1.76 -40.23
N GLY B 26 -8.10 -0.59 -39.80
CA GLY B 26 -9.18 -0.48 -38.84
C GLY B 26 -8.78 -0.53 -37.38
N PHE B 27 -7.47 -0.65 -37.11
CA PHE B 27 -6.94 -0.77 -35.74
C PHE B 27 -5.49 -0.31 -35.67
N THR B 28 -4.99 -0.09 -34.45
CA THR B 28 -3.63 0.34 -34.21
C THR B 28 -2.72 -0.88 -34.30
N PHE B 29 -2.19 -1.12 -35.50
CA PHE B 29 -1.29 -2.23 -35.82
C PHE B 29 -0.09 -2.34 -34.89
N SER B 30 0.48 -1.20 -34.48
CA SER B 30 1.66 -1.14 -33.59
C SER B 30 1.46 -1.71 -32.18
N SER B 31 0.21 -1.73 -31.68
CA SER B 31 -0.06 -2.24 -30.32
C SER B 31 -0.22 -3.77 -30.24
N TYR B 32 -0.21 -4.47 -31.38
CA TYR B 32 -0.42 -5.91 -31.38
C TYR B 32 0.70 -6.79 -31.91
N ALA B 33 0.90 -7.93 -31.22
CA ALA B 33 1.83 -8.96 -31.65
C ALA B 33 1.14 -9.69 -32.82
N MET B 34 1.95 -10.20 -33.76
CA MET B 34 1.45 -10.85 -34.96
C MET B 34 2.12 -12.20 -35.20
N SER B 35 1.38 -13.13 -35.84
CA SER B 35 1.86 -14.44 -36.27
C SER B 35 1.52 -14.74 -37.69
N TRP B 36 2.37 -15.56 -38.33
CA TRP B 36 2.13 -16.16 -39.62
C TRP B 36 1.79 -17.62 -39.33
N VAL B 37 0.72 -18.11 -39.95
CA VAL B 37 0.22 -19.48 -39.80
C VAL B 37 0.01 -20.00 -41.23
N ARG B 38 0.52 -21.19 -41.52
CA ARG B 38 0.34 -21.74 -42.87
C ARG B 38 -0.51 -23.00 -42.88
N GLN B 39 -1.05 -23.35 -44.05
CA GLN B 39 -1.90 -24.52 -44.20
C GLN B 39 -1.69 -25.14 -45.57
N ALA B 40 -1.05 -26.32 -45.60
CA ALA B 40 -0.82 -27.05 -46.84
C ALA B 40 -2.19 -27.53 -47.37
N PRO B 41 -2.38 -27.60 -48.71
CA PRO B 41 -3.68 -28.06 -49.26
C PRO B 41 -4.16 -29.42 -48.78
N GLY B 42 -5.29 -29.41 -48.13
CA GLY B 42 -5.94 -30.61 -47.57
C GLY B 42 -5.45 -30.97 -46.18
N LYS B 43 -4.48 -30.18 -45.67
CA LYS B 43 -3.82 -30.38 -44.38
C LYS B 43 -4.21 -29.38 -43.29
N GLY B 44 -3.53 -29.46 -42.16
CA GLY B 44 -3.82 -28.64 -41.00
C GLY B 44 -3.00 -27.38 -40.85
N LEU B 45 -3.33 -26.62 -39.79
CA LEU B 45 -2.69 -25.35 -39.42
C LEU B 45 -1.30 -25.54 -38.82
N GLU B 46 -0.32 -24.75 -39.30
CA GLU B 46 1.05 -24.83 -38.80
C GLU B 46 1.54 -23.43 -38.50
N TRP B 47 1.82 -23.17 -37.21
CA TRP B 47 2.36 -21.87 -36.79
C TRP B 47 3.74 -21.73 -37.42
N VAL B 48 4.03 -20.55 -37.99
CA VAL B 48 5.27 -20.30 -38.72
C VAL B 48 6.23 -19.39 -37.94
N SER B 49 5.76 -18.19 -37.63
CA SER B 49 6.57 -17.17 -37.01
C SER B 49 5.71 -16.23 -36.18
N TYR B 50 6.32 -15.59 -35.18
CA TYR B 50 5.74 -14.64 -34.25
C TYR B 50 6.61 -13.39 -34.19
N ILE B 51 5.98 -12.23 -34.16
CA ILE B 51 6.65 -10.94 -34.01
C ILE B 51 5.96 -10.12 -32.93
N SER B 52 6.77 -9.50 -32.02
CA SER B 52 6.33 -8.59 -30.95
C SER B 52 5.68 -7.36 -31.56
N ASP B 53 4.93 -6.61 -30.75
CA ASP B 53 4.26 -5.39 -31.20
C ASP B 53 5.23 -4.32 -31.79
N ASP B 54 6.49 -4.32 -31.34
CA ASP B 54 7.55 -3.39 -31.73
C ASP B 54 8.63 -4.00 -32.64
N GLY B 55 8.59 -5.32 -32.81
CA GLY B 55 9.53 -6.05 -33.64
C GLY B 55 10.78 -6.54 -32.93
N SER B 56 10.87 -6.30 -31.61
CA SER B 56 11.99 -6.68 -30.75
C SER B 56 12.20 -8.20 -30.68
N LEU B 57 11.09 -8.95 -30.52
CA LEU B 57 11.15 -10.42 -30.42
C LEU B 57 10.50 -11.09 -31.60
N LYS B 58 11.26 -12.02 -32.19
CA LYS B 58 10.94 -12.79 -33.38
C LYS B 58 11.15 -14.28 -33.11
N TYR B 59 10.12 -15.10 -33.35
CA TYR B 59 10.18 -16.55 -33.14
C TYR B 59 9.83 -17.28 -34.40
N TYR B 60 10.43 -18.45 -34.58
CA TYR B 60 10.25 -19.25 -35.78
C TYR B 60 10.04 -20.69 -35.43
N ALA B 61 9.29 -21.40 -36.28
CA ALA B 61 9.09 -22.83 -36.16
C ALA B 61 10.38 -23.46 -36.67
N ASP B 62 10.75 -24.64 -36.14
CA ASP B 62 11.96 -25.35 -36.52
C ASP B 62 12.04 -25.71 -38.01
N SER B 63 10.88 -25.87 -38.68
CA SER B 63 10.78 -26.20 -40.11
C SER B 63 11.13 -25.02 -41.02
N VAL B 64 11.17 -23.79 -40.47
CA VAL B 64 11.46 -22.55 -41.23
C VAL B 64 12.69 -21.80 -40.69
N LYS B 65 13.25 -22.25 -39.54
CA LYS B 65 14.41 -21.61 -38.90
C LYS B 65 15.64 -21.55 -39.81
N GLY B 66 16.16 -20.33 -39.99
CA GLY B 66 17.31 -20.05 -40.84
C GLY B 66 16.97 -19.69 -42.27
N ARG B 67 15.71 -19.95 -42.70
CA ARG B 67 15.24 -19.66 -44.06
C ARG B 67 14.22 -18.53 -44.16
N PHE B 68 13.31 -18.45 -43.18
CA PHE B 68 12.28 -17.40 -43.15
C PHE B 68 12.66 -16.31 -42.17
N THR B 69 12.24 -15.08 -42.45
CA THR B 69 12.48 -13.90 -41.62
C THR B 69 11.17 -13.10 -41.48
N ILE B 70 10.75 -12.84 -40.24
CA ILE B 70 9.57 -12.01 -39.96
C ILE B 70 10.05 -10.57 -39.71
N SER B 71 9.24 -9.58 -40.11
CA SER B 71 9.51 -8.17 -39.88
C SER B 71 8.21 -7.40 -40.00
N ARG B 72 8.20 -6.15 -39.53
CA ARG B 72 7.01 -5.31 -39.61
C ARG B 72 7.38 -3.85 -39.81
N ASP B 73 6.46 -3.10 -40.44
CA ASP B 73 6.59 -1.67 -40.67
C ASP B 73 5.36 -1.02 -40.07
N ASN B 74 5.49 -0.60 -38.81
CA ASN B 74 4.40 0.01 -38.03
C ASN B 74 3.89 1.31 -38.64
N SER B 75 4.77 2.08 -39.33
CA SER B 75 4.41 3.32 -40.03
C SER B 75 3.54 3.04 -41.27
N LYS B 76 3.70 1.85 -41.88
CA LYS B 76 2.97 1.39 -43.05
C LYS B 76 1.80 0.44 -42.74
N ASN B 77 1.69 0.00 -41.46
CA ASN B 77 0.67 -0.95 -40.96
C ASN B 77 0.77 -2.28 -41.72
N THR B 78 2.02 -2.73 -41.91
CA THR B 78 2.33 -3.92 -42.69
C THR B 78 3.27 -4.89 -41.99
N LEU B 79 2.89 -6.18 -42.04
CA LEU B 79 3.66 -7.31 -41.53
C LEU B 79 4.34 -7.95 -42.75
N TYR B 80 5.56 -8.48 -42.57
CA TYR B 80 6.27 -9.12 -43.68
C TYR B 80 6.80 -10.48 -43.29
N LEU B 81 6.96 -11.35 -44.28
CA LEU B 81 7.57 -12.66 -44.14
C LEU B 81 8.44 -12.86 -45.35
N GLN B 82 9.77 -12.87 -45.12
CA GLN B 82 10.76 -13.08 -46.16
C GLN B 82 11.08 -14.56 -46.16
N MET B 83 10.72 -15.25 -47.23
CA MET B 83 10.95 -16.69 -47.32
C MET B 83 12.04 -16.96 -48.34
N ASN B 84 13.16 -17.54 -47.88
CA ASN B 84 14.32 -17.86 -48.71
C ASN B 84 14.52 -19.37 -48.66
N SER B 85 15.31 -19.93 -49.61
CA SER B 85 15.61 -21.37 -49.71
C SER B 85 14.33 -22.23 -49.66
N LEU B 86 13.32 -21.82 -50.46
CA LEU B 86 12.02 -22.47 -50.53
C LEU B 86 12.08 -23.91 -51.02
N ARG B 87 11.27 -24.77 -50.41
CA ARG B 87 11.17 -26.21 -50.68
C ARG B 87 9.71 -26.55 -50.99
N ALA B 88 9.45 -27.70 -51.66
CA ALA B 88 8.10 -28.14 -52.01
C ALA B 88 7.15 -28.19 -50.81
N GLU B 89 7.67 -28.56 -49.63
CA GLU B 89 6.96 -28.68 -48.32
C GLU B 89 6.50 -27.32 -47.76
N ASP B 90 7.00 -26.22 -48.35
CA ASP B 90 6.63 -24.85 -47.98
C ASP B 90 5.36 -24.40 -48.70
N THR B 91 4.88 -25.22 -49.64
CA THR B 91 3.65 -24.99 -50.40
C THR B 91 2.49 -25.00 -49.42
N ALA B 92 1.76 -23.88 -49.37
CA ALA B 92 0.64 -23.67 -48.46
C ALA B 92 -0.03 -22.34 -48.70
N VAL B 93 -1.16 -22.15 -48.02
CA VAL B 93 -1.87 -20.88 -47.91
C VAL B 93 -1.25 -20.28 -46.66
N TYR B 94 -0.80 -19.06 -46.76
CA TYR B 94 -0.18 -18.36 -45.67
C TYR B 94 -1.12 -17.34 -45.08
N TYR B 95 -1.45 -17.53 -43.81
CA TYR B 95 -2.33 -16.62 -43.07
C TYR B 95 -1.53 -15.73 -42.14
N CYS B 96 -2.03 -14.53 -42.02
CA CYS B 96 -1.53 -13.46 -41.19
C CYS B 96 -2.60 -13.30 -40.12
N ALA B 97 -2.20 -13.32 -38.84
CA ALA B 97 -3.15 -13.24 -37.73
C ALA B 97 -2.65 -12.42 -36.55
N ARG B 98 -3.61 -11.82 -35.84
CA ARG B 98 -3.34 -10.94 -34.71
C ARG B 98 -3.56 -11.57 -33.34
N HIS B 99 -2.56 -11.44 -32.46
CA HIS B 99 -2.66 -11.82 -31.06
C HIS B 99 -3.25 -10.62 -30.30
N PRO B 100 -4.47 -10.71 -29.73
CA PRO B 100 -5.05 -9.53 -29.04
C PRO B 100 -4.29 -9.02 -27.81
N TYR B 101 -3.47 -9.87 -27.17
CA TYR B 101 -2.66 -9.56 -25.97
C TYR B 101 -1.23 -10.05 -26.10
N TRP B 102 -0.27 -9.31 -25.50
CA TRP B 102 1.16 -9.63 -25.49
C TRP B 102 1.42 -10.87 -24.65
N TYR B 103 0.54 -11.14 -23.69
CA TYR B 103 0.62 -12.26 -22.74
C TYR B 103 -0.23 -13.47 -23.15
N GLY B 104 -0.82 -13.40 -24.35
CA GLY B 104 -1.65 -14.47 -24.90
C GLY B 104 -1.23 -14.94 -26.28
N GLY B 105 -1.47 -16.22 -26.55
CA GLY B 105 -1.15 -16.85 -27.83
C GLY B 105 -2.34 -17.07 -28.76
N GLN B 106 -3.57 -16.74 -28.31
CA GLN B 106 -4.77 -16.90 -29.15
C GLN B 106 -4.73 -15.91 -30.32
N LEU B 107 -5.50 -16.18 -31.39
CA LEU B 107 -5.50 -15.36 -32.59
C LEU B 107 -6.87 -14.82 -32.90
N ASP B 108 -7.01 -13.53 -32.64
CA ASP B 108 -8.18 -12.67 -32.75
C ASP B 108 -8.72 -12.58 -34.17
N LEU B 109 -7.94 -11.96 -35.03
CA LEU B 109 -8.24 -11.61 -36.38
C LEU B 109 -7.31 -12.32 -37.36
N TRP B 110 -7.86 -12.84 -38.46
CA TRP B 110 -7.12 -13.53 -39.52
C TRP B 110 -7.41 -12.85 -40.84
N GLY B 111 -6.45 -12.93 -41.75
CA GLY B 111 -6.61 -12.48 -43.12
C GLY B 111 -7.20 -13.62 -43.95
N GLN B 112 -7.41 -13.41 -45.24
CA GLN B 112 -8.00 -14.43 -46.11
C GLN B 112 -7.00 -15.49 -46.58
N GLY B 113 -5.71 -15.15 -46.52
CA GLY B 113 -4.58 -16.00 -46.89
C GLY B 113 -3.99 -15.73 -48.25
N THR B 114 -2.73 -16.13 -48.44
CA THR B 114 -2.06 -16.02 -49.74
C THR B 114 -1.40 -17.34 -50.09
N LEU B 115 -1.68 -17.84 -51.30
CA LEU B 115 -1.17 -19.13 -51.71
C LEU B 115 0.23 -19.06 -52.30
N VAL B 116 1.12 -19.92 -51.77
CA VAL B 116 2.51 -20.06 -52.18
C VAL B 116 2.67 -21.51 -52.65
N THR B 117 3.01 -21.69 -53.93
CA THR B 117 3.25 -22.99 -54.53
C THR B 117 4.75 -23.04 -54.85
N VAL B 118 5.45 -24.04 -54.31
CA VAL B 118 6.88 -24.22 -54.57
C VAL B 118 7.05 -25.48 -55.43
N SER B 119 7.45 -25.30 -56.69
CA SER B 119 7.58 -26.41 -57.63
C SER B 119 8.66 -26.20 -58.69
N SER B 120 9.32 -27.29 -59.11
CA SER B 120 10.33 -27.27 -60.17
C SER B 120 9.68 -27.59 -61.52
N ALA B 121 8.37 -27.98 -61.49
CA ALA B 121 7.57 -28.30 -62.66
C ALA B 121 7.40 -27.08 -63.58
N LYS B 122 7.33 -27.35 -64.88
CA LYS B 122 7.16 -26.37 -65.96
C LYS B 122 5.68 -26.32 -66.36
N THR B 123 5.26 -25.20 -66.96
CA THR B 123 3.92 -25.04 -67.47
C THR B 123 3.67 -26.14 -68.52
N THR B 124 2.77 -27.05 -68.18
CA THR B 124 2.45 -28.18 -69.03
C THR B 124 0.94 -28.19 -69.32
N PRO B 125 0.53 -28.26 -70.61
CA PRO B 125 -0.92 -28.36 -70.89
C PRO B 125 -1.42 -29.79 -70.63
N PRO B 126 -2.70 -29.99 -70.27
CA PRO B 126 -3.16 -31.36 -70.02
C PRO B 126 -3.31 -32.21 -71.30
N SER B 127 -3.33 -33.53 -71.11
CA SER B 127 -3.65 -34.50 -72.15
C SER B 127 -5.07 -34.87 -71.77
N VAL B 128 -6.02 -34.71 -72.70
CA VAL B 128 -7.43 -34.93 -72.39
C VAL B 128 -7.95 -36.19 -73.04
N TYR B 129 -8.52 -37.11 -72.25
CA TYR B 129 -9.03 -38.38 -72.75
C TYR B 129 -10.52 -38.54 -72.51
N PRO B 130 -11.29 -38.99 -73.54
CA PRO B 130 -12.73 -39.16 -73.33
C PRO B 130 -13.01 -40.46 -72.59
N LEU B 131 -13.96 -40.42 -71.65
CA LEU B 131 -14.29 -41.59 -70.87
C LEU B 131 -15.69 -42.05 -71.13
N ALA B 132 -15.77 -43.20 -71.81
CA ALA B 132 -17.02 -43.84 -72.17
C ALA B 132 -17.26 -45.03 -71.25
N PRO B 133 -18.54 -45.31 -70.88
CA PRO B 133 -18.82 -46.47 -70.02
C PRO B 133 -18.41 -47.83 -70.62
N GLY B 134 -18.22 -48.80 -69.71
CA GLY B 134 -17.98 -50.19 -70.03
C GLY B 134 -19.27 -50.98 -69.83
N SER B 141 -31.51 -45.94 -67.35
CA SER B 141 -32.21 -44.84 -68.01
C SER B 141 -31.38 -43.54 -68.06
N MET B 142 -30.17 -43.57 -67.47
CA MET B 142 -29.23 -42.46 -67.48
C MET B 142 -27.79 -42.91 -67.67
N VAL B 143 -27.03 -42.18 -68.53
CA VAL B 143 -25.64 -42.49 -68.86
C VAL B 143 -24.68 -41.54 -68.16
N THR B 144 -23.61 -42.08 -67.57
CA THR B 144 -22.59 -41.22 -66.95
C THR B 144 -21.35 -41.25 -67.82
N LEU B 145 -20.97 -40.08 -68.32
CA LEU B 145 -19.82 -39.90 -69.19
C LEU B 145 -18.73 -39.14 -68.47
N GLY B 146 -17.49 -39.40 -68.82
CA GLY B 146 -16.38 -38.74 -68.15
C GLY B 146 -15.34 -38.11 -69.05
N CYS B 147 -14.35 -37.50 -68.41
CA CYS B 147 -13.23 -36.81 -69.03
C CYS B 147 -12.00 -36.91 -68.15
N LEU B 148 -10.91 -37.44 -68.69
CA LEU B 148 -9.66 -37.55 -67.95
C LEU B 148 -8.70 -36.45 -68.39
N VAL B 149 -8.42 -35.50 -67.50
CA VAL B 149 -7.54 -34.33 -67.69
C VAL B 149 -6.24 -34.65 -66.95
N LYS B 150 -5.23 -35.09 -67.72
CA LYS B 150 -3.97 -35.64 -67.22
C LYS B 150 -2.68 -34.85 -67.52
N GLY B 151 -1.86 -34.71 -66.49
CA GLY B 151 -0.53 -34.10 -66.57
C GLY B 151 -0.44 -32.62 -66.87
N TYR B 152 -1.13 -31.79 -66.10
CA TYR B 152 -1.08 -30.35 -66.27
C TYR B 152 -0.40 -29.68 -65.09
N PHE B 153 0.17 -28.51 -65.35
CA PHE B 153 0.84 -27.69 -64.37
C PHE B 153 0.91 -26.24 -64.86
N PRO B 154 0.59 -25.26 -64.00
CA PRO B 154 0.07 -25.40 -62.64
C PRO B 154 -1.45 -25.56 -62.66
N GLU B 155 -2.07 -25.50 -61.49
CA GLU B 155 -3.52 -25.51 -61.34
C GLU B 155 -4.03 -24.08 -61.60
N PRO B 156 -5.28 -23.85 -62.04
CA PRO B 156 -6.34 -24.81 -62.33
C PRO B 156 -6.51 -25.12 -63.82
N VAL B 157 -7.40 -26.08 -64.12
CA VAL B 157 -7.97 -26.40 -65.42
C VAL B 157 -9.46 -26.02 -65.23
N THR B 158 -10.19 -25.82 -66.32
CA THR B 158 -11.62 -25.53 -66.26
C THR B 158 -12.28 -26.54 -67.18
N VAL B 159 -13.20 -27.38 -66.63
CA VAL B 159 -13.94 -28.38 -67.39
C VAL B 159 -15.41 -27.98 -67.58
N THR B 160 -15.83 -27.80 -68.83
CA THR B 160 -17.26 -27.56 -69.15
C THR B 160 -17.71 -28.67 -70.05
N TRP B 161 -19.02 -28.83 -70.17
CA TRP B 161 -19.61 -29.85 -71.02
C TRP B 161 -20.57 -29.20 -72.00
N ASN B 162 -20.37 -29.45 -73.32
CA ASN B 162 -21.16 -28.85 -74.42
C ASN B 162 -21.17 -27.32 -74.31
N SER B 163 -19.98 -26.74 -74.06
CA SER B 163 -19.71 -25.32 -73.89
C SER B 163 -20.56 -24.58 -72.85
N GLY B 164 -21.05 -25.31 -71.84
CA GLY B 164 -21.86 -24.73 -70.78
C GLY B 164 -23.32 -25.12 -70.80
N SER B 165 -23.78 -25.71 -71.95
CA SER B 165 -25.15 -26.19 -72.20
C SER B 165 -25.53 -27.27 -71.18
N LEU B 166 -24.57 -28.14 -70.86
CA LEU B 166 -24.73 -29.17 -69.86
C LEU B 166 -24.20 -28.59 -68.54
N SER B 167 -25.08 -28.40 -67.54
CA SER B 167 -24.74 -27.82 -66.24
C SER B 167 -25.13 -28.77 -65.10
N SER B 168 -26.39 -29.22 -65.15
CA SER B 168 -26.97 -30.17 -64.20
C SER B 168 -26.27 -31.52 -64.44
N GLY B 169 -25.87 -32.18 -63.35
CA GLY B 169 -25.24 -33.50 -63.40
C GLY B 169 -23.74 -33.51 -63.69
N VAL B 170 -23.10 -32.33 -63.69
CA VAL B 170 -21.67 -32.15 -63.92
C VAL B 170 -20.96 -32.21 -62.57
N HIS B 171 -19.95 -33.11 -62.44
CA HIS B 171 -19.17 -33.20 -61.20
C HIS B 171 -17.69 -33.29 -61.52
N THR B 172 -16.94 -32.21 -61.19
CA THR B 172 -15.50 -32.15 -61.41
C THR B 172 -14.81 -32.54 -60.11
N PHE B 173 -14.22 -33.72 -60.12
CA PHE B 173 -13.55 -34.36 -58.99
C PHE B 173 -12.23 -33.69 -58.58
N PRO B 174 -11.76 -33.85 -57.32
CA PRO B 174 -10.52 -33.16 -56.93
C PRO B 174 -9.29 -33.68 -57.66
N ALA B 175 -8.37 -32.73 -57.95
CA ALA B 175 -7.11 -33.02 -58.64
C ALA B 175 -6.17 -33.83 -57.75
N VAL B 176 -5.35 -34.64 -58.36
CA VAL B 176 -4.36 -35.42 -57.63
C VAL B 176 -2.97 -35.11 -58.23
N LEU B 177 -1.96 -35.06 -57.37
CA LEU B 177 -0.61 -34.78 -57.82
C LEU B 177 0.13 -36.08 -58.16
N GLN B 178 0.06 -36.49 -59.44
CA GLN B 178 0.66 -37.74 -59.94
C GLN B 178 2.17 -37.82 -59.77
N SER B 179 2.92 -36.80 -60.22
CA SER B 179 4.38 -36.79 -60.05
C SER B 179 4.82 -35.38 -59.71
N ASP B 180 4.80 -34.53 -60.71
CA ASP B 180 5.09 -33.10 -60.60
C ASP B 180 3.85 -32.45 -61.19
N LEU B 181 3.01 -33.28 -61.84
CA LEU B 181 1.83 -32.81 -62.54
C LEU B 181 0.52 -33.22 -61.90
N TYR B 182 -0.52 -32.45 -62.20
CA TYR B 182 -1.88 -32.69 -61.71
C TYR B 182 -2.73 -33.49 -62.67
N THR B 183 -3.65 -34.26 -62.11
CA THR B 183 -4.62 -35.04 -62.87
C THR B 183 -5.95 -34.93 -62.19
N LEU B 184 -7.01 -34.80 -62.98
CA LEU B 184 -8.37 -34.84 -62.50
C LEU B 184 -9.29 -35.45 -63.55
N SER B 185 -10.53 -35.72 -63.14
CA SER B 185 -11.60 -36.20 -64.00
C SER B 185 -12.88 -35.48 -63.68
N SER B 186 -13.66 -35.24 -64.72
CA SER B 186 -14.98 -34.63 -64.65
C SER B 186 -15.95 -35.68 -65.18
N SER B 187 -17.18 -35.66 -64.70
CA SER B 187 -18.20 -36.60 -65.14
C SER B 187 -19.49 -35.84 -65.41
N VAL B 188 -20.36 -36.40 -66.26
CA VAL B 188 -21.66 -35.82 -66.59
C VAL B 188 -22.69 -36.94 -66.72
N THR B 189 -23.81 -36.82 -65.99
CA THR B 189 -24.92 -37.77 -66.06
C THR B 189 -25.97 -37.17 -67.00
N VAL B 190 -26.19 -37.83 -68.15
CA VAL B 190 -27.12 -37.39 -69.18
C VAL B 190 -28.23 -38.46 -69.43
N PRO B 191 -29.43 -38.10 -69.94
CA PRO B 191 -30.42 -39.15 -70.21
C PRO B 191 -29.94 -40.06 -71.35
N SER B 192 -30.16 -41.37 -71.22
CA SER B 192 -29.74 -42.39 -72.20
C SER B 192 -30.20 -42.15 -73.66
N SER B 193 -31.29 -41.36 -73.86
CA SER B 193 -31.84 -41.00 -75.18
C SER B 193 -31.10 -39.81 -75.79
N THR B 194 -30.23 -39.17 -74.99
CA THR B 194 -29.41 -38.02 -75.34
C THR B 194 -28.03 -38.46 -75.81
N TRP B 195 -27.54 -39.64 -75.36
CA TRP B 195 -26.21 -40.09 -75.74
C TRP B 195 -26.20 -41.60 -75.98
N PRO B 196 -25.59 -42.10 -77.08
CA PRO B 196 -24.84 -41.39 -78.13
C PRO B 196 -25.60 -40.76 -79.30
N SER B 197 -26.94 -40.61 -79.18
CA SER B 197 -27.83 -40.00 -80.20
C SER B 197 -27.37 -38.56 -80.53
N GLU B 198 -27.06 -37.80 -79.49
CA GLU B 198 -26.62 -36.41 -79.50
C GLU B 198 -25.14 -36.38 -79.12
N THR B 199 -24.45 -35.31 -79.50
CA THR B 199 -23.03 -35.16 -79.21
C THR B 199 -22.79 -34.71 -77.76
N VAL B 200 -21.95 -35.42 -77.02
CA VAL B 200 -21.54 -35.02 -75.67
C VAL B 200 -20.03 -34.75 -75.72
N THR B 201 -19.69 -33.47 -75.57
CA THR B 201 -18.33 -32.92 -75.63
C THR B 201 -17.89 -32.33 -74.29
N CYS B 202 -16.62 -32.58 -74.01
CA CYS B 202 -15.85 -32.14 -72.89
C CYS B 202 -14.93 -31.01 -73.36
N ASN B 203 -15.02 -29.82 -72.72
CA ASN B 203 -14.20 -28.64 -73.07
C ASN B 203 -13.26 -28.35 -71.93
N VAL B 204 -11.97 -28.37 -72.22
CA VAL B 204 -10.94 -28.21 -71.19
C VAL B 204 -9.99 -27.04 -71.49
N ALA B 205 -9.89 -26.10 -70.55
CA ALA B 205 -9.01 -24.96 -70.67
C ALA B 205 -7.97 -24.96 -69.57
N HIS B 206 -6.70 -24.76 -69.95
CA HIS B 206 -5.58 -24.63 -69.02
C HIS B 206 -5.07 -23.19 -69.18
N PRO B 207 -5.61 -22.24 -68.37
CA PRO B 207 -5.22 -20.82 -68.51
C PRO B 207 -3.74 -20.46 -68.42
N ALA B 208 -2.97 -21.19 -67.61
CA ALA B 208 -1.53 -20.94 -67.45
C ALA B 208 -0.74 -21.14 -68.76
N SER B 209 -1.18 -22.06 -69.63
CA SER B 209 -0.51 -22.32 -70.90
C SER B 209 -1.34 -21.82 -72.10
N SER B 210 -2.50 -21.17 -71.81
CA SER B 210 -3.48 -20.65 -72.78
C SER B 210 -3.97 -21.75 -73.74
N THR B 211 -4.25 -22.92 -73.18
CA THR B 211 -4.68 -24.09 -73.93
C THR B 211 -6.17 -24.29 -73.82
N LYS B 212 -6.75 -24.79 -74.89
CA LYS B 212 -8.17 -25.09 -75.01
C LYS B 212 -8.28 -26.39 -75.84
N VAL B 213 -8.88 -27.43 -75.25
CA VAL B 213 -9.06 -28.71 -75.93
C VAL B 213 -10.49 -29.22 -75.75
N ASP B 214 -11.05 -29.79 -76.83
CA ASP B 214 -12.39 -30.40 -76.84
C ASP B 214 -12.26 -31.89 -77.12
N LYS B 215 -12.93 -32.74 -76.32
CA LYS B 215 -12.91 -34.18 -76.59
C LYS B 215 -14.34 -34.68 -76.65
N LYS B 216 -14.71 -35.25 -77.80
CA LYS B 216 -16.04 -35.80 -78.02
C LYS B 216 -16.11 -37.19 -77.38
N ILE B 217 -17.18 -37.46 -76.64
CA ILE B 217 -17.27 -38.80 -76.06
C ILE B 217 -17.97 -39.73 -77.04
N VAL B 218 -17.19 -40.56 -77.72
CA VAL B 218 -17.64 -41.51 -78.71
C VAL B 218 -17.58 -42.94 -78.12
N PRO B 219 -18.64 -43.78 -78.33
CA PRO B 219 -18.58 -45.17 -77.81
C PRO B 219 -17.46 -45.96 -78.51
N ARG B 220 -16.58 -46.66 -77.76
CA ARG B 220 -15.45 -47.37 -78.39
C ARG B 220 -14.96 -48.58 -77.60
N PRO C 11 -6.90 -16.92 -9.80
CA PRO C 11 -7.62 -15.89 -10.59
C PRO C 11 -7.22 -14.46 -10.18
N ALA C 12 -5.94 -14.09 -10.43
CA ALA C 12 -5.34 -12.80 -10.06
C ALA C 12 -5.93 -11.58 -10.75
N MET C 13 -6.21 -10.54 -9.95
CA MET C 13 -6.74 -9.25 -10.42
C MET C 13 -5.59 -8.25 -10.34
N ILE C 14 -5.33 -7.53 -11.44
CA ILE C 14 -4.25 -6.52 -11.50
C ILE C 14 -4.46 -5.39 -10.50
N ALA C 15 -3.37 -4.88 -9.92
CA ALA C 15 -3.42 -3.74 -9.00
C ALA C 15 -3.46 -2.52 -9.91
N GLU C 16 -4.60 -1.82 -9.94
CA GLU C 16 -4.84 -0.64 -10.77
C GLU C 16 -3.86 0.48 -10.48
N CYS C 17 -3.52 1.28 -11.51
CA CYS C 17 -2.68 2.45 -11.36
C CYS C 17 -3.61 3.54 -10.83
N LYS C 18 -3.54 3.79 -9.51
CA LYS C 18 -4.39 4.73 -8.78
C LYS C 18 -3.73 5.18 -7.47
N THR C 19 -4.35 6.20 -6.83
CA THR C 19 -3.92 6.74 -5.54
C THR C 19 -4.33 5.76 -4.46
N ARG C 20 -3.41 5.48 -3.53
CA ARG C 20 -3.63 4.58 -2.40
C ARG C 20 -2.97 5.14 -1.15
N THR C 21 -3.63 4.92 0.01
CA THR C 21 -3.15 5.35 1.32
C THR C 21 -1.85 4.59 1.62
N GLU C 22 -0.76 5.34 1.88
CA GLU C 22 0.57 4.84 2.19
C GLU C 22 1.10 5.45 3.48
N VAL C 23 2.16 4.87 4.05
CA VAL C 23 2.78 5.36 5.28
C VAL C 23 4.09 6.03 4.95
N PHE C 24 4.21 7.32 5.31
CA PHE C 24 5.38 8.14 5.10
C PHE C 24 6.16 8.35 6.40
N GLU C 25 7.43 7.91 6.45
CA GLU C 25 8.31 8.08 7.61
C GLU C 25 8.85 9.50 7.63
N ILE C 26 8.76 10.18 8.78
CA ILE C 26 9.29 11.53 8.92
C ILE C 26 10.79 11.49 9.32
N SER C 27 11.66 11.72 8.32
CA SER C 27 13.13 11.67 8.45
C SER C 27 13.74 12.91 9.13
N ARG C 28 14.98 12.77 9.62
CA ARG C 28 15.74 13.85 10.26
C ARG C 28 16.10 14.96 9.25
N ARG C 29 16.44 14.57 7.98
CA ARG C 29 16.77 15.49 6.88
C ARG C 29 15.59 16.44 6.56
N LEU C 30 14.35 15.99 6.85
CA LEU C 30 13.11 16.72 6.65
C LEU C 30 13.03 17.99 7.52
N ILE C 31 13.54 17.91 8.76
CA ILE C 31 13.55 19.01 9.72
C ILE C 31 14.95 19.65 9.86
N ASP C 32 15.99 18.83 10.07
CA ASP C 32 17.38 19.31 10.19
C ASP C 32 18.43 18.29 9.70
N ARG C 33 19.19 18.68 8.64
CA ARG C 33 20.22 17.88 7.98
C ARG C 33 21.60 18.08 8.61
N THR C 34 21.74 19.17 9.40
CA THR C 34 22.95 19.57 10.15
C THR C 34 23.41 18.47 11.12
N ASN C 35 22.45 17.78 11.80
CA ASN C 35 22.76 16.74 12.78
C ASN C 35 21.73 15.60 12.85
N ALA C 36 22.15 14.48 13.48
CA ALA C 36 21.35 13.28 13.75
C ALA C 36 21.21 13.18 15.28
N ASN C 37 21.24 14.34 15.93
CA ASN C 37 21.18 14.49 17.38
C ASN C 37 19.78 14.89 17.89
N PHE C 38 18.70 14.40 17.21
CA PHE C 38 17.32 14.71 17.60
C PHE C 38 16.29 13.64 17.25
N LEU C 39 15.07 13.77 17.82
CA LEU C 39 13.93 12.86 17.65
C LEU C 39 12.71 13.59 17.09
N VAL C 40 11.75 12.84 16.50
CA VAL C 40 10.56 13.40 15.83
C VAL C 40 9.29 12.70 16.26
N TRP C 41 8.22 13.49 16.45
CA TRP C 41 6.93 12.95 16.81
C TRP C 41 5.82 13.61 15.97
N PRO C 42 4.91 12.84 15.33
CA PRO C 42 4.90 11.37 15.21
C PRO C 42 6.00 10.84 14.29
N PRO C 43 6.47 9.57 14.42
CA PRO C 43 7.57 9.10 13.54
C PRO C 43 7.17 8.92 12.08
N CYS C 44 5.89 8.67 11.83
CA CYS C 44 5.31 8.49 10.50
C CYS C 44 3.86 8.91 10.45
N VAL C 45 3.36 9.19 9.24
CA VAL C 45 2.02 9.69 8.90
C VAL C 45 1.52 9.06 7.60
N GLU C 46 0.20 9.08 7.38
CA GLU C 46 -0.42 8.61 6.15
C GLU C 46 -0.29 9.66 5.02
N VAL C 47 -0.05 9.20 3.78
CA VAL C 47 0.02 10.04 2.57
C VAL C 47 -0.79 9.37 1.43
N GLN C 48 -0.95 10.08 0.31
CA GLN C 48 -1.62 9.55 -0.88
C GLN C 48 -0.56 9.42 -1.95
N ARG C 49 -0.35 8.19 -2.41
CA ARG C 49 0.67 7.93 -3.43
C ARG C 49 0.18 7.01 -4.52
N CYS C 50 0.82 7.11 -5.70
CA CYS C 50 0.54 6.26 -6.84
C CYS C 50 1.19 4.92 -6.61
N SER C 51 0.44 3.86 -6.86
CA SER C 51 0.88 2.46 -6.79
C SER C 51 -0.01 1.66 -7.73
N GLY C 52 0.50 0.52 -8.18
CA GLY C 52 -0.22 -0.32 -9.11
C GLY C 52 0.52 -0.65 -10.39
N CYS C 53 -0.18 -1.34 -11.29
CA CYS C 53 0.37 -1.82 -12.57
C CYS C 53 -0.33 -1.36 -13.79
N CYS C 54 0.38 -1.58 -14.89
CA CYS C 54 -0.02 -1.25 -16.22
C CYS C 54 -0.06 -2.51 -17.07
N ASN C 55 -1.15 -2.66 -17.85
CA ASN C 55 -1.37 -3.82 -18.72
C ASN C 55 -0.28 -4.02 -19.77
N ASN C 56 0.07 -2.96 -20.51
CA ASN C 56 1.11 -3.02 -21.53
C ASN C 56 2.50 -3.13 -20.90
N ARG C 57 3.42 -3.76 -21.64
CA ARG C 57 4.80 -4.00 -21.24
C ARG C 57 5.62 -2.70 -21.13
N ASN C 58 5.33 -1.69 -21.99
CA ASN C 58 6.04 -0.40 -22.07
C ASN C 58 5.46 0.76 -21.21
N VAL C 59 4.73 0.44 -20.12
CA VAL C 59 4.14 1.47 -19.25
C VAL C 59 4.37 1.26 -17.75
N GLN C 60 4.67 2.38 -17.05
CA GLN C 60 4.87 2.44 -15.60
C GLN C 60 3.85 3.37 -14.99
N CYS C 61 3.35 3.04 -13.79
CA CYS C 61 2.38 3.86 -13.07
C CYS C 61 3.07 5.09 -12.47
N ARG C 62 2.58 6.31 -12.82
CA ARG C 62 3.18 7.57 -12.38
C ARG C 62 2.19 8.67 -12.00
N PRO C 63 2.56 9.61 -11.08
CA PRO C 63 1.63 10.70 -10.74
C PRO C 63 1.53 11.78 -11.82
N THR C 64 0.28 12.21 -12.12
CA THR C 64 -0.01 13.26 -13.10
C THR C 64 0.24 14.60 -12.41
N GLN C 65 -0.35 14.79 -11.22
CA GLN C 65 -0.17 15.97 -10.39
C GLN C 65 -0.08 15.65 -8.90
N VAL C 66 0.74 16.43 -8.20
CA VAL C 66 0.99 16.32 -6.77
C VAL C 66 0.39 17.54 -6.03
N GLN C 67 0.18 17.40 -4.72
CA GLN C 67 -0.31 18.47 -3.85
C GLN C 67 0.59 18.54 -2.62
N LEU C 68 1.12 19.74 -2.32
CA LEU C 68 1.94 19.93 -1.14
C LEU C 68 1.02 20.25 0.04
N ARG C 69 1.15 19.46 1.13
CA ARG C 69 0.33 19.51 2.33
C ARG C 69 1.19 19.67 3.60
N PRO C 70 1.25 20.87 4.23
CA PRO C 70 2.07 21.00 5.44
C PRO C 70 1.39 20.52 6.73
N VAL C 71 2.17 19.84 7.57
CA VAL C 71 1.71 19.33 8.86
C VAL C 71 2.66 19.73 9.98
N GLN C 72 2.11 19.87 11.19
CA GLN C 72 2.88 20.24 12.37
C GLN C 72 3.31 18.99 13.12
N VAL C 73 4.62 18.90 13.38
CA VAL C 73 5.27 17.82 14.13
C VAL C 73 6.11 18.46 15.26
N ARG C 74 6.82 17.64 16.03
CA ARG C 74 7.69 18.16 17.06
C ARG C 74 9.09 17.60 16.98
N LYS C 75 10.09 18.48 17.19
CA LYS C 75 11.50 18.15 17.15
C LYS C 75 12.00 18.10 18.61
N ILE C 76 12.33 16.88 19.07
CA ILE C 76 12.82 16.56 20.41
C ILE C 76 14.36 16.53 20.43
N GLU C 77 15.00 17.69 20.68
CA GLU C 77 16.45 17.85 20.77
C GLU C 77 16.99 17.28 22.09
N ILE C 78 17.95 16.32 21.95
CA ILE C 78 18.59 15.56 23.03
C ILE C 78 19.94 16.13 23.51
N VAL C 79 20.84 16.50 22.57
CA VAL C 79 22.20 16.99 22.90
C VAL C 79 22.29 18.43 23.47
N ARG C 80 21.32 18.78 24.32
CA ARG C 80 21.26 20.11 24.94
C ARG C 80 21.33 19.96 26.45
N LYS C 81 21.47 21.09 27.17
CA LYS C 81 21.50 21.15 28.66
C LYS C 81 20.24 20.49 29.25
N LYS C 82 19.11 20.63 28.52
CA LYS C 82 17.82 20.05 28.89
C LYS C 82 17.04 19.66 27.62
N PRO C 83 16.05 18.75 27.71
CA PRO C 83 15.25 18.41 26.52
C PRO C 83 14.45 19.62 25.97
N ILE C 84 14.29 19.67 24.64
CA ILE C 84 13.58 20.75 23.97
C ILE C 84 12.55 20.12 23.03
N PHE C 85 11.29 20.50 23.22
CA PHE C 85 10.15 20.02 22.47
C PHE C 85 9.61 21.21 21.65
N LYS C 86 10.23 21.42 20.47
CA LYS C 86 9.95 22.52 19.54
C LYS C 86 8.99 22.08 18.46
N LYS C 87 8.05 22.96 18.08
CA LYS C 87 7.10 22.74 16.99
C LYS C 87 7.88 22.83 15.69
N ALA C 88 7.51 22.05 14.69
CA ALA C 88 8.16 22.05 13.37
C ALA C 88 7.15 21.70 12.31
N THR C 89 7.22 22.40 11.16
CA THR C 89 6.31 22.16 10.05
C THR C 89 7.00 21.28 8.98
N VAL C 90 6.33 20.21 8.53
CA VAL C 90 6.85 19.30 7.51
C VAL C 90 5.88 19.21 6.32
N THR C 91 6.39 19.45 5.09
CA THR C 91 5.61 19.42 3.86
C THR C 91 5.45 18.00 3.30
N LEU C 92 4.22 17.48 3.37
CA LEU C 92 3.91 16.16 2.83
C LEU C 92 3.47 16.27 1.38
N GLU C 93 3.99 15.40 0.52
CA GLU C 93 3.63 15.33 -0.90
C GLU C 93 2.54 14.26 -1.09
N ASP C 94 1.36 14.69 -1.56
CA ASP C 94 0.23 13.82 -1.84
C ASP C 94 0.02 13.76 -3.35
N HIS C 95 -0.34 12.57 -3.88
CA HIS C 95 -0.62 12.39 -5.31
C HIS C 95 -2.12 12.45 -5.48
N LEU C 96 -2.58 13.16 -6.51
CA LEU C 96 -4.01 13.34 -6.78
C LEU C 96 -4.51 12.39 -7.87
N ALA C 97 -3.73 12.30 -8.96
CA ALA C 97 -4.07 11.50 -10.12
C ALA C 97 -2.87 10.67 -10.57
N CYS C 98 -3.18 9.46 -11.03
CA CYS C 98 -2.18 8.52 -11.52
C CYS C 98 -2.58 8.09 -12.92
N LYS C 99 -1.58 7.86 -13.77
CA LYS C 99 -1.77 7.37 -15.13
C LYS C 99 -0.60 6.54 -15.60
N CYS C 100 -0.92 5.50 -16.37
CA CYS C 100 0.03 4.58 -16.98
C CYS C 100 0.74 5.34 -18.09
N GLU C 101 2.02 5.63 -17.87
CA GLU C 101 2.82 6.41 -18.82
C GLU C 101 3.99 5.67 -19.41
N THR C 102 4.27 5.96 -20.69
CA THR C 102 5.35 5.41 -21.52
C THR C 102 6.71 5.50 -20.82
N ILE D 8 -2.05 28.14 9.40
CA ILE D 8 -2.07 27.13 10.47
C ILE D 8 -0.62 26.79 10.99
N ALA D 9 0.07 25.64 10.64
CA ALA D 9 -0.31 24.45 9.85
C ALA D 9 -0.94 23.33 10.71
N GLU D 10 -1.82 22.52 10.08
CA GLU D 10 -2.58 21.44 10.71
C GLU D 10 -1.68 20.44 11.41
N PRO D 11 -2.03 20.04 12.65
CA PRO D 11 -1.20 19.06 13.38
C PRO D 11 -1.20 17.69 12.71
N ALA D 12 -0.03 17.05 12.69
CA ALA D 12 0.14 15.71 12.12
C ALA D 12 -0.51 14.63 12.96
N MET D 13 -1.19 13.69 12.30
CA MET D 13 -1.82 12.53 12.91
C MET D 13 -0.92 11.32 12.60
N ILE D 14 -0.51 10.54 13.64
CA ILE D 14 0.33 9.35 13.49
C ILE D 14 -0.32 8.31 12.56
N ALA D 15 0.50 7.58 11.78
CA ALA D 15 0.00 6.51 10.92
C ALA D 15 -0.21 5.33 11.85
N GLU D 16 -1.49 4.97 12.08
CA GLU D 16 -1.89 3.88 12.98
C GLU D 16 -1.34 2.55 12.56
N CYS D 17 -1.06 1.67 13.54
CA CYS D 17 -0.63 0.32 13.27
C CYS D 17 -1.91 -0.46 12.95
N LYS D 18 -2.13 -0.70 11.66
CA LYS D 18 -3.33 -1.34 11.10
C LYS D 18 -3.07 -1.94 9.71
N THR D 19 -4.05 -2.72 9.22
CA THR D 19 -4.01 -3.33 7.90
C THR D 19 -4.34 -2.25 6.86
N ARG D 20 -3.54 -2.22 5.78
CA ARG D 20 -3.72 -1.27 4.70
C ARG D 20 -3.49 -1.95 3.36
N THR D 21 -4.28 -1.56 2.34
CA THR D 21 -4.17 -2.07 0.98
C THR D 21 -2.81 -1.64 0.42
N GLU D 22 -2.02 -2.64 -0.01
CA GLU D 22 -0.68 -2.47 -0.57
C GLU D 22 -0.60 -3.15 -1.92
N VAL D 23 0.43 -2.80 -2.71
CA VAL D 23 0.65 -3.40 -4.01
C VAL D 23 1.83 -4.35 -3.93
N PHE D 24 1.57 -5.62 -4.26
CA PHE D 24 2.56 -6.69 -4.25
C PHE D 24 2.99 -7.01 -5.68
N GLU D 25 4.28 -6.79 -5.97
CA GLU D 25 4.95 -7.02 -7.25
C GLU D 25 5.25 -8.51 -7.39
N ILE D 26 4.70 -9.18 -8.44
CA ILE D 26 4.93 -10.61 -8.65
C ILE D 26 6.32 -10.78 -9.27
N SER D 27 7.28 -11.08 -8.38
CA SER D 27 8.69 -11.23 -8.65
C SER D 27 9.08 -12.55 -9.29
N ARG D 28 10.11 -12.48 -10.12
CA ARG D 28 10.71 -13.58 -10.87
C ARG D 28 11.47 -14.54 -9.95
N ARG D 29 11.96 -14.05 -8.78
CA ARG D 29 12.76 -14.81 -7.82
C ARG D 29 12.01 -15.79 -6.89
N LEU D 30 10.99 -15.30 -6.14
CA LEU D 30 10.24 -16.08 -5.14
C LEU D 30 9.57 -17.40 -5.56
N ILE D 31 8.76 -17.39 -6.66
CA ILE D 31 8.06 -18.57 -7.16
C ILE D 31 8.97 -19.64 -7.77
N ASP D 32 9.74 -19.27 -8.82
CA ASP D 32 10.71 -20.14 -9.51
C ASP D 32 12.06 -19.46 -9.61
N ARG D 33 13.16 -20.19 -9.35
CA ARG D 33 14.51 -19.61 -9.39
C ARG D 33 15.38 -20.05 -10.58
N THR D 34 14.75 -20.59 -11.65
CA THR D 34 15.43 -21.04 -12.87
C THR D 34 16.18 -19.90 -13.57
N ASN D 35 15.55 -18.71 -13.67
CA ASN D 35 16.06 -17.45 -14.23
C ASN D 35 14.97 -16.36 -14.09
N ALA D 36 15.31 -15.10 -14.44
CA ALA D 36 14.39 -13.96 -14.39
C ALA D 36 13.70 -13.71 -15.72
N ASN D 37 14.38 -13.99 -16.86
CA ASN D 37 13.88 -13.81 -18.22
C ASN D 37 12.64 -14.63 -18.58
N PHE D 38 11.55 -14.26 -17.93
CA PHE D 38 10.19 -14.74 -18.05
C PHE D 38 9.33 -13.67 -17.42
N LEU D 39 8.28 -13.25 -18.09
CA LEU D 39 7.43 -12.21 -17.55
C LEU D 39 6.17 -12.80 -16.97
N VAL D 40 5.64 -12.12 -15.97
CA VAL D 40 4.45 -12.58 -15.29
C VAL D 40 3.30 -11.64 -15.62
N TRP D 41 2.11 -12.21 -15.77
CA TRP D 41 0.89 -11.46 -15.94
C TRP D 41 -0.16 -11.94 -14.89
N PRO D 42 -0.79 -11.03 -14.10
CA PRO D 42 -0.52 -9.58 -14.02
C PRO D 42 0.83 -9.27 -13.33
N PRO D 43 1.48 -8.10 -13.58
CA PRO D 43 2.82 -7.87 -12.94
C PRO D 43 2.76 -7.63 -11.44
N CYS D 44 1.61 -7.16 -10.95
CA CYS D 44 1.37 -6.89 -9.54
C CYS D 44 -0.11 -7.01 -9.20
N VAL D 45 -0.40 -7.21 -7.90
CA VAL D 45 -1.74 -7.39 -7.32
C VAL D 45 -1.83 -6.67 -5.95
N GLU D 46 -3.05 -6.41 -5.49
CA GLU D 46 -3.29 -5.82 -4.17
C GLU D 46 -3.20 -6.88 -3.07
N VAL D 47 -2.63 -6.53 -1.91
CA VAL D 47 -2.51 -7.37 -0.71
C VAL D 47 -2.92 -6.56 0.52
N GLN D 48 -3.03 -7.23 1.68
CA GLN D 48 -3.33 -6.57 2.97
C GLN D 48 -2.09 -6.72 3.82
N ARG D 49 -1.50 -5.58 4.25
CA ARG D 49 -0.28 -5.61 5.06
C ARG D 49 -0.35 -4.73 6.29
N CYS D 50 0.58 -4.94 7.22
CA CYS D 50 0.69 -4.15 8.43
C CYS D 50 1.65 -3.02 8.17
N SER D 51 1.15 -1.81 8.34
CA SER D 51 1.94 -0.59 8.17
C SER D 51 1.49 0.40 9.24
N GLY D 52 2.37 1.33 9.57
CA GLY D 52 2.08 2.34 10.57
C GLY D 52 3.11 2.42 11.68
N CYS D 53 2.81 3.26 12.67
CA CYS D 53 3.68 3.55 13.79
C CYS D 53 3.11 3.26 15.16
N CYS D 54 4.02 3.24 16.13
CA CYS D 54 3.75 3.02 17.54
C CYS D 54 4.15 4.23 18.35
N ASN D 55 3.26 4.58 19.30
CA ASN D 55 3.40 5.70 20.24
C ASN D 55 4.61 5.50 21.14
N ASN D 56 4.82 4.25 21.58
CA ASN D 56 5.94 3.86 22.44
C ASN D 56 7.17 3.74 21.56
N ARG D 57 8.32 4.15 22.11
CA ARG D 57 9.62 4.16 21.42
C ARG D 57 10.10 2.76 21.00
N ASN D 58 10.33 1.88 22.00
CA ASN D 58 10.84 0.50 21.91
C ASN D 58 10.15 -0.40 20.88
N VAL D 59 8.83 -0.25 20.76
CA VAL D 59 7.89 -1.02 19.97
C VAL D 59 7.95 -0.76 18.42
N GLN D 60 7.49 -1.76 17.63
CA GLN D 60 7.35 -1.77 16.16
C GLN D 60 6.00 -2.41 15.78
N CYS D 61 5.33 -1.91 14.72
CA CYS D 61 4.06 -2.43 14.21
C CYS D 61 4.29 -3.80 13.57
N ARG D 62 3.53 -4.84 13.99
CA ARG D 62 3.70 -6.21 13.50
C ARG D 62 2.39 -6.98 13.32
N PRO D 63 2.34 -7.97 12.37
CA PRO D 63 1.11 -8.76 12.19
C PRO D 63 0.89 -9.79 13.30
N THR D 64 -0.36 -9.88 13.80
CA THR D 64 -0.78 -10.84 14.83
C THR D 64 -0.98 -12.19 14.13
N GLN D 65 -1.77 -12.17 13.04
CA GLN D 65 -2.02 -13.35 12.21
C GLN D 65 -2.07 -13.02 10.71
N VAL D 66 -1.56 -13.96 9.91
CA VAL D 66 -1.49 -13.88 8.46
C VAL D 66 -2.46 -14.91 7.84
N GLN D 67 -2.82 -14.71 6.57
CA GLN D 67 -3.68 -15.61 5.81
C GLN D 67 -3.01 -15.85 4.46
N LEU D 68 -2.80 -17.14 4.11
CA LEU D 68 -2.23 -17.49 2.83
C LEU D 68 -3.35 -17.59 1.80
N ARG D 69 -3.21 -16.86 0.68
CA ARG D 69 -4.18 -16.73 -0.39
C ARG D 69 -3.56 -17.06 -1.76
N PRO D 70 -3.86 -18.22 -2.37
CA PRO D 70 -3.26 -18.51 -3.68
C PRO D 70 -4.01 -17.91 -4.87
N VAL D 71 -3.25 -17.40 -5.84
CA VAL D 71 -3.82 -16.82 -7.06
C VAL D 71 -3.14 -17.42 -8.31
N GLN D 72 -3.89 -17.47 -9.42
CA GLN D 72 -3.38 -17.99 -10.69
C GLN D 72 -2.88 -16.83 -11.53
N VAL D 73 -1.63 -16.96 -12.00
CA VAL D 73 -0.96 -16.01 -12.88
C VAL D 73 -0.43 -16.78 -14.11
N ARG D 74 0.21 -16.08 -15.03
CA ARG D 74 0.82 -16.74 -16.17
C ARG D 74 2.27 -16.38 -16.33
N LYS D 75 3.07 -17.39 -16.60
CA LYS D 75 4.49 -17.29 -16.85
C LYS D 75 4.61 -17.11 -18.37
N ILE D 76 5.29 -16.05 -18.81
CA ILE D 76 5.47 -15.78 -20.23
C ILE D 76 6.97 -15.91 -20.53
N GLU D 77 7.41 -17.12 -20.93
CA GLU D 77 8.81 -17.39 -21.26
C GLU D 77 9.17 -16.85 -22.64
N ILE D 78 10.13 -15.92 -22.69
CA ILE D 78 10.59 -15.22 -23.90
C ILE D 78 11.86 -15.84 -24.53
N VAL D 79 12.88 -16.18 -23.72
CA VAL D 79 14.16 -16.72 -24.20
C VAL D 79 14.14 -18.17 -24.72
N ARG D 80 13.06 -18.56 -25.37
CA ARG D 80 12.87 -19.89 -25.93
C ARG D 80 12.71 -19.81 -27.44
N LYS D 81 12.74 -20.99 -28.13
CA LYS D 81 12.57 -21.10 -29.58
C LYS D 81 11.25 -20.43 -30.01
N LYS D 82 10.22 -20.50 -29.14
CA LYS D 82 8.92 -19.87 -29.32
C LYS D 82 8.33 -19.41 -27.99
N PRO D 83 7.38 -18.45 -27.99
CA PRO D 83 6.77 -18.03 -26.72
C PRO D 83 5.98 -19.16 -26.03
N ILE D 84 5.99 -19.17 -24.69
CA ILE D 84 5.28 -20.14 -23.88
C ILE D 84 4.47 -19.42 -22.81
N PHE D 85 3.15 -19.67 -22.80
CA PHE D 85 2.20 -19.04 -21.87
C PHE D 85 1.67 -20.12 -20.91
N LYS D 86 2.43 -20.34 -19.83
CA LYS D 86 2.17 -21.36 -18.82
C LYS D 86 1.43 -20.79 -17.61
N LYS D 87 0.47 -21.56 -17.06
CA LYS D 87 -0.26 -21.19 -15.85
C LYS D 87 0.69 -21.36 -14.67
N ALA D 88 0.55 -20.52 -13.65
CA ALA D 88 1.37 -20.59 -12.44
C ALA D 88 0.58 -20.11 -11.23
N THR D 89 0.70 -20.83 -10.11
CA THR D 89 0.02 -20.44 -8.87
C THR D 89 1.00 -19.69 -7.95
N VAL D 90 0.59 -18.53 -7.43
CA VAL D 90 1.39 -17.71 -6.52
C VAL D 90 0.65 -17.48 -5.19
N THR D 91 1.30 -17.81 -4.06
CA THR D 91 0.73 -17.67 -2.72
C THR D 91 0.92 -16.27 -2.14
N LEU D 92 -0.17 -15.51 -2.03
CA LEU D 92 -0.14 -14.16 -1.49
C LEU D 92 -0.35 -14.20 0.01
N GLU D 93 0.50 -13.48 0.77
CA GLU D 93 0.40 -13.37 2.23
C GLU D 93 -0.38 -12.10 2.57
N ASP D 94 -1.53 -12.26 3.24
CA ASP D 94 -2.39 -11.16 3.67
C ASP D 94 -2.34 -11.08 5.21
N HIS D 95 -2.30 -9.86 5.76
CA HIS D 95 -2.30 -9.64 7.21
C HIS D 95 -3.74 -9.32 7.61
N LEU D 96 -4.23 -9.92 8.70
CA LEU D 96 -5.61 -9.70 9.15
C LEU D 96 -5.71 -8.77 10.36
N ALA D 97 -4.70 -8.83 11.27
CA ALA D 97 -4.63 -8.01 12.47
C ALA D 97 -3.21 -7.54 12.73
N CYS D 98 -3.09 -6.29 13.20
CA CYS D 98 -1.81 -5.67 13.51
C CYS D 98 -1.86 -5.17 14.93
N LYS D 99 -0.70 -5.23 15.61
CA LYS D 99 -0.55 -4.72 16.97
C LYS D 99 0.86 -4.28 17.25
N CYS D 100 0.99 -3.25 18.08
CA CYS D 100 2.27 -2.72 18.48
C CYS D 100 2.90 -3.69 19.50
N GLU D 101 3.98 -4.42 19.09
CA GLU D 101 4.63 -5.43 19.93
C GLU D 101 6.01 -5.13 20.51
N THR D 102 6.16 -5.46 21.81
CA THR D 102 7.34 -5.26 22.65
C THR D 102 8.63 -5.98 22.19
N VAL D 103 9.67 -5.17 21.90
CA VAL D 103 11.03 -5.56 21.48
C VAL D 103 12.02 -4.47 21.90
N GLU E 1 -4.50 2.53 42.02
CA GLU E 1 -4.51 3.99 42.12
C GLU E 1 -3.12 4.58 41.92
N VAL E 2 -2.98 5.38 40.85
CA VAL E 2 -1.74 6.06 40.45
C VAL E 2 -1.24 7.02 41.57
N GLN E 3 0.05 6.92 41.93
CA GLN E 3 0.64 7.68 43.03
C GLN E 3 2.17 7.77 42.96
N LEU E 4 2.71 8.84 43.57
CA LEU E 4 4.13 9.15 43.71
C LEU E 4 4.31 9.63 45.18
N VAL E 5 5.33 9.10 45.84
CA VAL E 5 5.59 9.44 47.22
C VAL E 5 7.07 9.67 47.38
N GLU E 6 7.42 10.90 47.74
CA GLU E 6 8.77 11.34 48.01
C GLU E 6 9.09 11.14 49.47
N SER E 7 10.34 10.85 49.73
CA SER E 7 10.86 10.66 51.07
C SER E 7 12.35 11.01 51.06
N GLY E 8 12.92 11.12 52.25
CA GLY E 8 14.35 11.37 52.37
C GLY E 8 14.69 12.79 52.74
N GLY E 9 13.67 13.67 52.75
CA GLY E 9 13.85 15.06 53.12
C GLY E 9 14.13 15.17 54.61
N GLY E 10 14.91 16.16 54.95
CA GLY E 10 15.27 16.44 56.33
C GLY E 10 16.09 17.70 56.43
N LEU E 11 16.53 17.96 57.65
CA LEU E 11 17.39 19.07 58.00
C LEU E 11 18.78 18.56 57.76
N VAL E 12 19.50 19.29 56.97
CA VAL E 12 20.87 18.96 56.62
C VAL E 12 21.63 20.28 56.66
N GLN E 13 22.92 20.15 56.77
CA GLN E 13 23.86 21.23 56.96
C GLN E 13 24.61 21.57 55.65
N PRO E 14 25.10 22.83 55.45
CA PRO E 14 25.75 23.17 54.17
C PRO E 14 27.01 22.34 53.91
N GLY E 15 27.16 21.91 52.65
CA GLY E 15 28.25 21.04 52.23
C GLY E 15 27.92 19.57 52.42
N GLY E 16 26.83 19.31 53.15
CA GLY E 16 26.34 17.97 53.42
C GLY E 16 25.62 17.34 52.24
N SER E 17 25.22 16.08 52.41
CA SER E 17 24.54 15.33 51.37
C SER E 17 23.25 14.66 51.83
N LEU E 18 22.33 14.45 50.89
CA LEU E 18 21.03 13.83 51.12
C LEU E 18 20.61 13.11 49.87
N ARG E 19 20.01 11.94 50.02
CA ARG E 19 19.46 11.22 48.89
C ARG E 19 17.95 11.16 49.06
N LEU E 20 17.21 11.63 48.04
CA LEU E 20 15.76 11.64 47.99
C LEU E 20 15.29 10.45 47.18
N SER E 21 14.19 9.86 47.61
CA SER E 21 13.59 8.73 46.91
C SER E 21 12.16 9.10 46.54
N CYS E 22 11.65 8.47 45.49
CA CYS E 22 10.30 8.67 45.03
C CYS E 22 9.75 7.32 44.64
N ALA E 23 8.79 6.83 45.42
CA ALA E 23 8.17 5.53 45.18
C ALA E 23 6.95 5.68 44.28
N ALA E 24 7.00 5.02 43.12
CA ALA E 24 5.91 5.01 42.14
C ALA E 24 5.05 3.78 42.34
N SER E 25 3.72 3.95 42.21
CA SER E 25 2.74 2.85 42.32
C SER E 25 1.51 3.11 41.46
N GLY E 26 0.84 2.02 41.06
CA GLY E 26 -0.39 2.05 40.27
C GLY E 26 -0.20 2.19 38.76
N PHE E 27 1.06 2.17 38.30
CA PHE E 27 1.39 2.32 36.88
C PHE E 27 2.77 1.73 36.57
N THR E 28 3.05 1.54 35.28
CA THR E 28 4.33 0.99 34.83
C THR E 28 5.35 2.10 34.82
N PHE E 29 6.08 2.23 35.94
CA PHE E 29 7.10 3.24 36.17
C PHE E 29 8.18 3.29 35.08
N SER E 30 8.57 2.13 34.52
CA SER E 30 9.60 2.02 33.48
C SER E 30 9.24 2.69 32.14
N SER E 31 7.94 2.83 31.82
CA SER E 31 7.52 3.44 30.55
C SER E 31 7.51 4.99 30.55
N TYR E 32 7.75 5.62 31.72
CA TYR E 32 7.67 7.07 31.82
C TYR E 32 8.94 7.81 32.19
N ALA E 33 9.16 8.96 31.51
CA ALA E 33 10.24 9.88 31.84
C ALA E 33 9.79 10.60 33.14
N MET E 34 10.77 11.00 33.96
CA MET E 34 10.50 11.63 35.23
C MET E 34 11.33 12.87 35.42
N SER E 35 10.80 13.81 36.22
CA SER E 35 11.52 15.02 36.60
C SER E 35 11.40 15.25 38.09
N TRP E 36 12.36 16.00 38.64
CA TRP E 36 12.34 16.52 39.99
C TRP E 36 12.12 18.03 39.80
N VAL E 37 11.19 18.59 40.59
CA VAL E 37 10.82 20.01 40.57
C VAL E 37 10.86 20.47 42.02
N ARG E 38 11.52 21.61 42.29
CA ARG E 38 11.59 22.08 43.66
C ARG E 38 10.87 23.41 43.85
N GLN E 39 10.52 23.73 45.09
CA GLN E 39 9.84 24.98 45.40
C GLN E 39 10.32 25.51 46.75
N ALA E 40 11.09 26.62 46.72
CA ALA E 40 11.55 27.29 47.96
C ALA E 40 10.31 27.85 48.69
N PRO E 41 10.29 27.85 50.05
CA PRO E 41 9.08 28.26 50.79
C PRO E 41 7.99 29.21 50.25
N GLY E 42 8.16 30.51 50.14
CA GLY E 42 7.06 31.31 49.56
C GLY E 42 7.30 31.64 48.10
N LYS E 43 8.11 30.80 47.45
CA LYS E 43 8.57 30.98 46.08
C LYS E 43 7.91 30.08 45.02
N GLY E 44 8.44 30.15 43.80
CA GLY E 44 7.90 29.42 42.66
C GLY E 44 8.58 28.11 42.35
N LEU E 45 8.03 27.43 41.34
CA LEU E 45 8.49 26.13 40.82
C LEU E 45 9.79 26.22 40.03
N GLU E 46 10.75 25.34 40.35
CA GLU E 46 12.04 25.31 39.67
C GLU E 46 12.34 23.89 39.25
N TRP E 47 12.42 23.65 37.93
CA TRP E 47 12.76 22.34 37.38
C TRP E 47 14.20 22.04 37.80
N VAL E 48 14.44 20.82 38.28
CA VAL E 48 15.73 20.42 38.83
C VAL E 48 16.48 19.47 37.88
N SER E 49 15.85 18.34 37.58
CA SER E 49 16.46 17.28 36.81
C SER E 49 15.42 16.48 36.08
N TYR E 50 15.83 15.84 34.96
CA TYR E 50 15.03 15.00 34.08
C TYR E 50 15.76 13.68 33.85
N ILE E 51 15.01 12.60 33.86
CA ILE E 51 15.53 11.27 33.56
C ILE E 51 14.61 10.57 32.57
N SER E 52 15.23 9.95 31.53
CA SER E 52 14.57 9.15 30.49
C SER E 52 13.89 7.96 31.14
N ASP E 53 12.95 7.32 30.41
CA ASP E 53 12.23 6.14 30.91
C ASP E 53 13.16 4.96 31.29
N ASP E 54 14.36 4.87 30.67
CA ASP E 54 15.37 3.83 30.85
C ASP E 54 16.61 4.28 31.63
N GLY E 55 16.73 5.58 31.88
CA GLY E 55 17.85 6.17 32.60
C GLY E 55 19.04 6.57 31.76
N SER E 56 18.92 6.40 30.43
CA SER E 56 19.99 6.72 29.46
C SER E 56 20.33 8.21 29.42
N LEU E 57 19.29 9.07 29.44
CA LEU E 57 19.47 10.53 29.39
C LEU E 57 19.04 11.19 30.67
N LYS E 58 19.95 12.01 31.19
CA LYS E 58 19.87 12.73 32.45
C LYS E 58 20.18 14.21 32.20
N TYR E 59 19.27 15.10 32.61
CA TYR E 59 19.46 16.53 32.46
C TYR E 59 19.35 17.22 33.79
N TYR E 60 20.08 18.32 33.93
CA TYR E 60 20.14 19.06 35.18
C TYR E 60 20.03 20.53 34.91
N ALA E 61 19.49 21.26 35.88
CA ALA E 61 19.42 22.70 35.84
C ALA E 61 20.85 23.18 36.17
N ASP E 62 21.25 24.34 35.65
CA ASP E 62 22.58 24.89 35.88
C ASP E 62 22.90 25.16 37.36
N SER E 63 21.86 25.42 38.18
CA SER E 63 21.97 25.68 39.62
C SER E 63 22.32 24.42 40.44
N VAL E 64 22.09 23.21 39.84
CA VAL E 64 22.34 21.90 40.48
C VAL E 64 23.41 21.03 39.73
N LYS E 65 23.91 21.51 38.57
CA LYS E 65 24.90 20.79 37.74
C LYS E 65 26.23 20.58 38.47
N GLY E 66 26.66 19.33 38.54
CA GLY E 66 27.89 18.91 39.21
C GLY E 66 27.74 18.53 40.68
N ARG E 67 26.57 18.84 41.28
CA ARG E 67 26.29 18.54 42.69
C ARG E 67 25.21 17.45 42.84
N PHE E 68 24.12 17.57 42.05
CA PHE E 68 23.00 16.63 42.10
C PHE E 68 23.14 15.58 41.03
N THR E 69 22.60 14.38 41.30
CA THR E 69 22.63 13.23 40.40
C THR E 69 21.24 12.58 40.42
N ILE E 70 20.61 12.42 39.24
CA ILE E 70 19.33 11.73 39.11
C ILE E 70 19.62 10.27 38.73
N SER E 71 18.79 9.35 39.19
CA SER E 71 18.89 7.93 38.87
C SER E 71 17.57 7.27 39.15
N ARG E 72 17.36 6.07 38.62
CA ARG E 72 16.12 5.34 38.83
C ARG E 72 16.37 3.85 38.91
N ASP E 73 15.49 3.14 39.62
CA ASP E 73 15.52 1.70 39.75
C ASP E 73 14.15 1.20 39.31
N ASN E 74 14.05 0.84 38.01
CA ASN E 74 12.82 0.38 37.39
C ASN E 74 12.26 -0.90 37.99
N SER E 75 13.16 -1.79 38.50
CA SER E 75 12.77 -3.04 39.18
C SER E 75 12.13 -2.75 40.55
N LYS E 76 12.50 -1.62 41.18
CA LYS E 76 11.98 -1.18 42.48
C LYS E 76 10.90 -0.10 42.39
N ASN E 77 10.62 0.43 41.17
CA ASN E 77 9.65 1.49 40.87
C ASN E 77 10.01 2.75 41.67
N THR E 78 11.31 3.10 41.69
CA THR E 78 11.82 4.19 42.48
C THR E 78 12.73 5.12 41.69
N LEU E 79 12.51 6.43 41.84
CA LEU E 79 13.31 7.50 41.26
C LEU E 79 14.16 8.06 42.41
N TYR E 80 15.42 8.43 42.13
CA TYR E 80 16.33 8.95 43.14
C TYR E 80 16.92 10.27 42.72
N LEU E 81 17.31 11.07 43.72
CA LEU E 81 18.01 12.33 43.55
C LEU E 81 19.06 12.37 44.63
N GLN E 82 20.33 12.27 44.23
CA GLN E 82 21.48 12.33 45.12
C GLN E 82 21.93 13.77 45.13
N MET E 83 21.80 14.45 46.27
CA MET E 83 22.17 15.85 46.39
C MET E 83 23.41 15.97 47.26
N ASN E 84 24.52 16.45 46.68
CA ASN E 84 25.79 16.62 47.35
C ASN E 84 26.14 18.11 47.35
N SER E 85 27.09 18.54 48.20
CA SER E 85 27.54 19.94 48.32
C SER E 85 26.37 20.91 48.49
N LEU E 86 25.44 20.56 49.39
CA LEU E 86 24.23 21.32 49.67
C LEU E 86 24.50 22.70 50.20
N ARG E 87 23.70 23.67 49.74
CA ARG E 87 23.78 25.09 50.07
C ARG E 87 22.41 25.55 50.60
N ALA E 88 22.37 26.68 51.33
CA ALA E 88 21.11 27.22 51.88
C ALA E 88 20.02 27.43 50.83
N GLU E 89 20.42 27.82 49.60
CA GLU E 89 19.56 28.07 48.41
C GLU E 89 18.89 26.78 47.86
N ASP E 90 19.35 25.59 48.33
CA ASP E 90 18.81 24.30 47.96
C ASP E 90 17.62 23.94 48.84
N THR E 91 17.34 24.75 49.88
CA THR E 91 16.21 24.59 50.80
C THR E 91 14.94 24.77 49.99
N ALA E 92 14.11 23.72 49.98
CA ALA E 92 12.85 23.69 49.22
C ALA E 92 12.09 22.42 49.52
N VAL E 93 10.85 22.37 49.00
CA VAL E 93 10.01 21.19 48.95
C VAL E 93 10.40 20.60 47.59
N TYR E 94 10.73 19.32 47.57
CA TYR E 94 11.13 18.62 46.37
C TYR E 94 10.01 17.74 45.90
N TYR E 95 9.53 18.01 44.69
CA TYR E 95 8.48 17.23 44.05
C TYR E 95 9.06 16.31 43.00
N CYS E 96 8.42 15.18 42.90
CA CYS E 96 8.69 14.11 41.97
C CYS E 96 7.45 14.12 41.06
N ALA E 97 7.68 14.16 39.73
CA ALA E 97 6.58 14.25 38.78
C ALA E 97 6.83 13.44 37.51
N ARG E 98 5.73 12.96 36.94
CA ARG E 98 5.74 12.12 35.75
C ARG E 98 5.39 12.85 34.45
N HIS E 99 6.25 12.66 33.42
CA HIS E 99 5.98 13.15 32.07
C HIS E 99 5.16 12.04 31.38
N PRO E 100 3.88 12.28 31.01
CA PRO E 100 3.08 11.20 30.39
C PRO E 100 3.58 10.67 29.04
N TYR E 101 4.38 11.47 28.31
CA TYR E 101 4.93 11.13 26.99
C TYR E 101 6.42 11.47 26.91
N TRP E 102 7.18 10.65 26.15
CA TRP E 102 8.62 10.82 25.92
C TRP E 102 8.89 12.06 25.07
N TYR E 103 7.89 12.46 24.27
CA TYR E 103 7.93 13.60 23.34
C TYR E 103 7.29 14.87 23.92
N GLY E 104 6.90 14.83 25.19
CA GLY E 104 6.27 15.96 25.90
C GLY E 104 6.96 16.32 27.20
N GLY E 105 6.91 17.61 27.54
CA GLY E 105 7.48 18.14 28.77
C GLY E 105 6.48 18.41 29.89
N GLN E 106 5.18 18.14 29.65
CA GLN E 106 4.15 18.36 30.66
C GLN E 106 4.26 17.35 31.81
N LEU E 107 3.66 17.70 32.96
CA LEU E 107 3.74 16.84 34.13
C LEU E 107 2.37 16.42 34.62
N ASP E 108 2.07 15.17 34.35
CA ASP E 108 0.85 14.41 34.59
C ASP E 108 0.52 14.30 36.07
N LEU E 109 1.35 13.56 36.77
CA LEU E 109 1.21 13.17 38.15
C LEU E 109 2.33 13.74 39.00
N TRP E 110 1.99 14.28 40.16
CA TRP E 110 2.94 14.84 41.13
C TRP E 110 2.77 14.12 42.47
N GLY E 111 3.85 14.06 43.22
CA GLY E 111 3.84 13.55 44.59
C GLY E 111 3.47 14.70 45.53
N GLN E 112 3.40 14.44 46.84
CA GLN E 112 3.06 15.49 47.81
C GLN E 112 4.24 16.42 48.17
N GLY E 113 5.45 15.94 47.91
CA GLY E 113 6.71 16.65 48.14
C GLY E 113 7.43 16.28 49.41
N THR E 114 8.76 16.50 49.41
CA THR E 114 9.59 16.27 50.59
C THR E 114 10.42 17.51 50.89
N LEU E 115 10.34 17.98 52.14
CA LEU E 115 11.04 19.18 52.53
C LEU E 115 12.49 18.95 52.90
N VAL E 116 13.38 19.74 52.29
CA VAL E 116 14.83 19.73 52.52
C VAL E 116 15.19 21.13 53.03
N THR E 117 15.74 21.20 54.25
CA THR E 117 16.17 22.43 54.87
C THR E 117 17.68 22.33 55.00
N VAL E 118 18.40 23.30 54.40
CA VAL E 118 19.86 23.34 54.45
C VAL E 118 20.27 24.51 55.33
N SER E 119 20.80 24.20 56.53
CA SER E 119 21.19 25.21 57.51
C SER E 119 22.36 24.79 58.42
N SER E 120 23.20 25.77 58.83
CA SER E 120 24.33 25.53 59.74
C SER E 120 23.88 25.78 61.20
N ALA E 121 22.65 26.31 61.36
CA ALA E 121 22.02 26.62 62.65
C ALA E 121 21.81 25.38 63.50
N LYS E 122 21.89 25.55 64.83
CA LYS E 122 21.70 24.53 65.86
C LYS E 122 20.29 24.62 66.42
N THR E 123 19.80 23.53 67.03
CA THR E 123 18.49 23.51 67.69
C THR E 123 18.52 24.55 68.82
N THR E 124 17.72 25.62 68.64
CA THR E 124 17.66 26.73 69.58
C THR E 124 16.22 26.92 70.06
N PRO E 125 15.98 27.00 71.38
CA PRO E 125 14.61 27.26 71.85
C PRO E 125 14.25 28.74 71.71
N PRO E 126 12.98 29.12 71.51
CA PRO E 126 12.66 30.55 71.38
C PRO E 126 12.73 31.33 72.70
N SER E 127 12.87 32.66 72.58
CA SER E 127 12.79 33.61 73.69
C SER E 127 11.41 34.20 73.48
N VAL E 128 10.55 34.12 74.50
CA VAL E 128 9.16 34.57 74.36
C VAL E 128 8.90 35.88 75.11
N TYR E 129 8.39 36.89 74.40
CA TYR E 129 8.13 38.20 74.97
C TYR E 129 6.66 38.62 74.89
N PRO E 130 6.08 39.16 75.98
CA PRO E 130 4.68 39.59 75.91
C PRO E 130 4.54 40.94 75.20
N LEU E 131 3.48 41.05 74.39
CA LEU E 131 3.23 42.26 73.63
C LEU E 131 1.94 42.97 74.05
N ALA E 132 2.12 44.09 74.73
CA ALA E 132 1.09 44.99 75.18
C ALA E 132 1.25 46.30 74.36
N PRO E 133 0.20 47.13 74.20
CA PRO E 133 0.34 48.39 73.42
C PRO E 133 1.40 49.36 73.95
N MET E 142 -12.17 47.74 72.06
CA MET E 142 -11.57 46.40 72.14
C MET E 142 -10.07 46.48 71.83
N VAL E 143 -9.24 45.68 72.55
CA VAL E 143 -7.77 45.66 72.38
C VAL E 143 -7.19 44.40 71.70
N THR E 144 -6.06 44.57 70.99
CA THR E 144 -5.33 43.53 70.29
C THR E 144 -3.98 43.29 71.01
N LEU E 145 -3.81 42.08 71.58
CA LEU E 145 -2.57 41.75 72.30
C LEU E 145 -1.76 40.69 71.59
N GLY E 146 -0.44 40.72 71.80
CA GLY E 146 0.47 39.81 71.11
C GLY E 146 1.48 39.03 71.92
N CYS E 147 2.28 38.22 71.18
CA CYS E 147 3.32 37.37 71.69
C CYS E 147 4.48 37.30 70.71
N LEU E 148 5.71 37.68 71.14
CA LEU E 148 6.88 37.63 70.26
C LEU E 148 7.72 36.38 70.56
N VAL E 149 7.77 35.45 69.61
CA VAL E 149 8.49 34.17 69.67
C VAL E 149 9.74 34.38 68.81
N LYS E 150 10.88 34.64 69.48
CA LYS E 150 12.14 35.04 68.87
C LYS E 150 13.32 34.07 68.99
N GLY E 151 14.03 33.89 67.88
CA GLY E 151 15.27 33.11 67.79
C GLY E 151 15.18 31.62 68.01
N TYR E 152 14.31 30.93 67.27
CA TYR E 152 14.18 29.49 67.37
C TYR E 152 14.65 28.83 66.08
N PHE E 153 15.08 27.58 66.20
CA PHE E 153 15.52 26.74 65.10
C PHE E 153 15.44 25.28 65.49
N PRO E 154 14.90 24.40 64.62
CA PRO E 154 14.26 24.70 63.33
C PRO E 154 12.78 25.06 63.51
N GLU E 155 12.08 25.15 62.40
CA GLU E 155 10.65 25.37 62.41
C GLU E 155 9.96 24.04 62.58
N PRO E 156 8.72 24.08 63.12
CA PRO E 156 7.98 25.27 63.54
C PRO E 156 7.68 25.30 65.05
N VAL E 157 6.98 26.34 65.47
CA VAL E 157 6.44 26.52 66.82
C VAL E 157 4.94 26.63 66.66
N THR E 158 4.19 26.32 67.72
CA THR E 158 2.74 26.47 67.70
C THR E 158 2.31 27.30 68.87
N VAL E 159 1.63 28.41 68.57
CA VAL E 159 1.13 29.29 69.61
C VAL E 159 -0.37 29.16 69.76
N THR E 160 -0.81 28.99 71.00
CA THR E 160 -2.22 28.99 71.35
C THR E 160 -2.43 30.11 72.37
N TRP E 161 -3.70 30.46 72.62
CA TRP E 161 -4.04 31.48 73.60
C TRP E 161 -4.99 30.84 74.58
N ASN E 162 -4.60 30.85 75.86
CA ASN E 162 -5.34 30.26 76.98
C ASN E 162 -5.76 28.82 76.75
N SER E 163 -4.79 28.01 76.30
CA SER E 163 -4.91 26.57 76.05
C SER E 163 -6.00 26.24 75.01
N GLY E 164 -6.11 27.10 74.00
CA GLY E 164 -7.11 26.97 72.95
C GLY E 164 -8.46 27.52 73.33
N SER E 165 -8.55 28.22 74.51
CA SER E 165 -9.80 28.83 74.99
C SER E 165 -10.30 29.88 74.00
N LEU E 166 -9.36 30.58 73.35
CA LEU E 166 -9.65 31.66 72.41
C LEU E 166 -9.50 31.18 70.98
N SER E 167 -10.56 30.52 70.50
CA SER E 167 -10.61 29.97 69.15
C SER E 167 -10.65 31.09 68.11
N SER E 168 -11.40 32.19 68.41
CA SER E 168 -11.58 33.32 67.51
C SER E 168 -10.76 34.56 67.88
N GLY E 169 -10.18 35.17 66.86
CA GLY E 169 -9.33 36.35 66.98
C GLY E 169 -7.87 35.99 67.03
N VAL E 170 -7.55 34.69 66.92
CA VAL E 170 -6.20 34.13 66.95
C VAL E 170 -5.57 34.10 65.56
N HIS E 171 -4.54 34.92 65.39
CA HIS E 171 -3.76 35.02 64.17
C HIS E 171 -2.31 34.74 64.52
N THR E 172 -1.74 33.66 63.97
CA THR E 172 -0.32 33.40 64.14
C THR E 172 0.30 33.78 62.82
N PHE E 173 1.07 34.86 62.83
CA PHE E 173 1.70 35.45 61.66
C PHE E 173 2.86 34.60 61.08
N PRO E 174 3.21 34.76 59.78
CA PRO E 174 4.30 33.94 59.23
C PRO E 174 5.66 34.29 59.85
N ALA E 175 6.50 33.25 60.00
CA ALA E 175 7.83 33.37 60.57
C ALA E 175 8.76 34.10 59.62
N VAL E 176 9.75 34.79 60.18
CA VAL E 176 10.74 35.48 59.40
C VAL E 176 12.12 34.96 59.80
N LEU E 177 12.98 34.73 58.81
CA LEU E 177 14.30 34.22 59.07
C LEU E 177 15.21 35.40 59.30
N GLN E 178 15.62 35.58 60.57
CA GLN E 178 16.50 36.66 61.00
C GLN E 178 17.93 36.39 60.49
N SER E 179 18.90 36.14 61.40
CA SER E 179 20.25 35.85 60.93
C SER E 179 20.36 34.38 60.54
N ASP E 180 20.15 33.48 61.50
CA ASP E 180 20.18 32.03 61.29
C ASP E 180 18.91 31.43 61.87
N LEU E 181 18.21 32.22 62.69
CA LEU E 181 17.04 31.80 63.45
C LEU E 181 15.73 32.42 62.99
N TYR E 182 14.62 31.78 63.36
CA TYR E 182 13.27 32.21 63.03
C TYR E 182 12.64 33.04 64.12
N THR E 183 11.77 33.96 63.70
CA THR E 183 10.99 34.81 64.59
C THR E 183 9.59 34.91 64.05
N LEU E 184 8.62 34.86 64.95
CA LEU E 184 7.22 35.08 64.63
C LEU E 184 6.50 35.72 65.80
N SER E 185 5.26 36.16 65.56
CA SER E 185 4.36 36.71 66.54
C SER E 185 2.94 36.18 66.30
N SER E 186 2.18 36.02 67.39
CA SER E 186 0.77 35.63 67.33
C SER E 186 -0.01 36.72 68.01
N SER E 187 -1.18 37.07 67.46
CA SER E 187 -2.01 38.14 68.01
C SER E 187 -3.43 37.69 68.28
N VAL E 188 -4.06 38.30 69.28
CA VAL E 188 -5.44 38.02 69.66
C VAL E 188 -6.22 39.31 69.94
N THR E 189 -7.37 39.46 69.27
CA THR E 189 -8.28 40.59 69.47
C THR E 189 -9.33 40.18 70.48
N VAL E 190 -9.38 40.93 71.59
CA VAL E 190 -10.24 40.71 72.75
C VAL E 190 -10.69 42.02 73.44
N PRO E 191 -11.95 42.09 73.95
CA PRO E 191 -12.40 43.32 74.64
C PRO E 191 -11.92 43.40 76.10
N VAL E 200 -3.08 38.71 80.57
CA VAL E 200 -3.43 37.80 79.46
C VAL E 200 -2.36 36.72 79.25
N THR E 201 -2.68 35.52 78.68
CA THR E 201 -1.62 34.49 78.49
C THR E 201 -1.53 33.68 77.15
N CYS E 202 -0.29 33.53 76.59
CA CYS E 202 0.02 32.80 75.36
C CYS E 202 0.83 31.49 75.59
N ASN E 203 0.49 30.39 74.85
CA ASN E 203 1.14 29.07 74.96
C ASN E 203 2.05 28.79 73.78
N VAL E 204 3.34 28.70 74.07
CA VAL E 204 4.37 28.46 73.07
C VAL E 204 5.01 27.10 73.26
N ALA E 205 5.20 26.38 72.16
CA ALA E 205 5.88 25.09 72.18
C ALA E 205 6.78 24.99 70.96
N HIS E 206 8.06 24.66 71.19
CA HIS E 206 9.06 24.42 70.14
C HIS E 206 9.43 22.92 70.22
N PRO E 207 8.68 22.05 69.50
CA PRO E 207 8.91 20.59 69.60
C PRO E 207 10.32 20.08 69.34
N ALA E 208 11.07 20.72 68.43
CA ALA E 208 12.44 20.33 68.11
C ALA E 208 13.39 20.41 69.30
N SER E 209 13.17 21.42 70.18
CA SER E 209 13.96 21.65 71.40
C SER E 209 13.19 21.31 72.68
N SER E 210 12.03 20.62 72.54
CA SER E 210 11.14 20.18 73.64
C SER E 210 10.88 21.29 74.66
N THR E 211 10.64 22.52 74.13
CA THR E 211 10.36 23.73 74.90
C THR E 211 8.88 23.96 74.99
N LYS E 212 8.45 24.47 76.15
CA LYS E 212 7.09 24.87 76.45
C LYS E 212 7.19 26.10 77.35
N VAL E 213 6.63 27.22 76.90
CA VAL E 213 6.67 28.50 77.61
C VAL E 213 5.25 29.08 77.66
N ASP E 214 4.80 29.46 78.87
CA ASP E 214 3.49 30.09 79.07
C ASP E 214 3.74 31.52 79.54
N LYS E 215 3.29 32.51 78.73
CA LYS E 215 3.53 33.93 79.01
C LYS E 215 2.28 34.79 79.20
N LYS E 216 2.16 35.39 80.41
CA LYS E 216 1.08 36.27 80.82
C LYS E 216 1.37 37.73 80.39
N ILE E 217 0.46 38.32 79.58
CA ILE E 217 0.51 39.69 79.06
C ILE E 217 -0.06 40.63 80.13
N VAL E 218 0.83 41.40 80.73
CA VAL E 218 0.54 42.39 81.78
C VAL E 218 0.59 43.81 81.19
N PRO E 219 -0.41 44.68 81.47
CA PRO E 219 -0.41 46.02 80.87
C PRO E 219 0.74 46.88 81.35
N ARG E 220 1.24 47.72 80.44
CA ARG E 220 2.30 48.67 80.68
C ARG E 220 1.71 50.01 81.13
N GLU F 3 14.04 33.81 30.80
CA GLU F 3 12.95 33.72 31.76
C GLU F 3 11.56 33.80 31.09
N LEU F 4 10.61 33.01 31.65
CA LEU F 4 9.21 32.99 31.26
C LEU F 4 8.52 34.00 32.18
N THR F 5 8.06 35.12 31.60
CA THR F 5 7.47 36.23 32.33
C THR F 5 5.96 36.14 32.51
N GLN F 6 5.51 36.24 33.76
CA GLN F 6 4.08 36.24 34.12
C GLN F 6 3.82 37.43 35.04
N PRO F 7 2.61 38.05 34.98
CA PRO F 7 2.30 39.11 35.97
C PRO F 7 2.28 38.51 37.39
N PRO F 8 2.88 39.13 38.44
CA PRO F 8 2.87 38.49 39.76
C PRO F 8 1.49 38.24 40.35
N SER F 9 0.50 39.02 39.91
CA SER F 9 -0.87 38.90 40.39
C SER F 9 -1.87 39.39 39.38
N VAL F 10 -3.04 38.73 39.36
CA VAL F 10 -4.19 39.08 38.53
C VAL F 10 -5.44 39.09 39.44
N SER F 11 -6.16 40.22 39.47
CA SER F 11 -7.37 40.38 40.27
C SER F 11 -8.56 40.51 39.36
N VAL F 12 -9.62 39.74 39.65
CA VAL F 12 -10.88 39.69 38.89
C VAL F 12 -12.07 39.65 39.83
N ALA F 13 -13.26 40.07 39.35
CA ALA F 13 -14.49 40.03 40.14
C ALA F 13 -15.10 38.65 39.93
N PRO F 14 -15.84 38.07 40.92
CA PRO F 14 -16.44 36.73 40.66
C PRO F 14 -17.31 36.72 39.40
N GLY F 15 -17.18 35.68 38.58
CA GLY F 15 -17.91 35.52 37.33
C GLY F 15 -17.25 36.14 36.11
N GLN F 16 -16.22 36.97 36.30
CA GLN F 16 -15.49 37.60 35.19
C GLN F 16 -14.43 36.66 34.61
N THR F 17 -13.84 37.06 33.49
CA THR F 17 -12.84 36.28 32.79
C THR F 17 -11.45 36.70 33.20
N ALA F 18 -10.69 35.75 33.75
CA ALA F 18 -9.31 35.98 34.15
C ALA F 18 -8.40 35.59 33.00
N ARG F 19 -7.41 36.45 32.70
CA ARG F 19 -6.42 36.22 31.66
C ARG F 19 -5.04 36.36 32.25
N ILE F 20 -4.28 35.26 32.22
CA ILE F 20 -2.93 35.20 32.78
C ILE F 20 -2.00 34.95 31.63
N SER F 21 -1.09 35.90 31.41
CA SER F 21 -0.12 35.82 30.31
C SER F 21 1.21 35.21 30.75
N CYS F 22 1.98 34.76 29.75
CA CYS F 22 3.28 34.14 29.93
C CYS F 22 4.07 34.49 28.69
N SER F 23 5.18 35.22 28.85
CA SER F 23 6.01 35.66 27.74
C SER F 23 7.39 35.08 27.76
N GLY F 24 7.88 34.74 26.57
CA GLY F 24 9.21 34.20 26.35
C GLY F 24 9.64 34.31 24.91
N ASP F 25 10.97 34.34 24.67
CA ASP F 25 11.58 34.42 23.33
C ASP F 25 11.14 33.24 22.46
N SER F 26 10.37 33.56 21.39
CA SER F 26 9.80 32.61 20.42
C SER F 26 8.96 31.49 21.08
N LEU F 27 8.24 31.84 22.18
CA LEU F 27 7.38 30.91 22.95
C LEU F 27 6.34 30.18 22.10
N GLY F 28 5.87 30.84 21.04
CA GLY F 28 4.89 30.31 20.11
C GLY F 28 5.37 29.07 19.37
N SER F 29 6.71 28.93 19.24
CA SER F 29 7.32 27.76 18.58
C SER F 29 7.60 26.59 19.54
N TYR F 30 7.08 26.68 20.80
CA TYR F 30 7.18 25.66 21.84
C TYR F 30 5.81 25.35 22.41
N PHE F 31 5.69 24.24 23.17
CA PHE F 31 4.44 23.80 23.78
C PHE F 31 4.33 24.31 25.22
N VAL F 32 3.26 25.06 25.53
CA VAL F 32 3.03 25.68 26.84
C VAL F 32 1.99 24.91 27.66
N HIS F 33 2.37 24.58 28.90
CA HIS F 33 1.54 23.88 29.88
C HIS F 33 1.26 24.84 31.03
N TRP F 34 0.11 24.69 31.67
CA TRP F 34 -0.32 25.50 32.80
C TRP F 34 -0.64 24.63 33.99
N TYR F 35 -0.14 25.06 35.15
CA TYR F 35 -0.31 24.41 36.44
C TYR F 35 -1.02 25.31 37.40
N GLN F 36 -1.99 24.74 38.14
CA GLN F 36 -2.74 25.42 39.19
C GLN F 36 -2.23 24.86 40.54
N GLN F 37 -1.84 25.76 41.44
CA GLN F 37 -1.37 25.34 42.74
C GLN F 37 -2.05 26.11 43.86
N LYS F 38 -2.72 25.35 44.75
CA LYS F 38 -3.39 25.90 45.92
C LYS F 38 -2.47 25.76 47.10
N PRO F 39 -2.55 26.66 48.13
CA PRO F 39 -1.61 26.57 49.28
C PRO F 39 -1.57 25.20 49.96
N GLY F 40 -0.35 24.71 50.16
CA GLY F 40 -0.09 23.42 50.78
C GLY F 40 -0.41 22.23 49.89
N GLN F 41 -0.67 22.48 48.60
CA GLN F 41 -0.97 21.42 47.64
C GLN F 41 0.06 21.33 46.54
N ALA F 42 0.11 20.17 45.87
CA ALA F 42 0.98 19.91 44.75
C ALA F 42 0.39 20.60 43.50
N PRO F 43 1.20 21.05 42.52
CA PRO F 43 0.63 21.66 41.29
C PRO F 43 -0.28 20.69 40.52
N VAL F 44 -1.32 21.21 39.86
CA VAL F 44 -2.27 20.43 39.06
C VAL F 44 -2.20 20.92 37.60
N LEU F 45 -2.01 20.01 36.64
CA LEU F 45 -2.00 20.31 35.22
C LEU F 45 -3.44 20.66 34.78
N VAL F 46 -3.65 21.93 34.38
CA VAL F 46 -4.95 22.44 33.91
C VAL F 46 -5.02 22.59 32.38
N ILE F 47 -3.87 22.81 31.70
CA ILE F 47 -3.71 22.98 30.26
C ILE F 47 -2.36 22.42 29.82
N TYR F 48 -2.34 21.65 28.75
CA TYR F 48 -1.09 21.13 28.21
C TYR F 48 -1.12 21.41 26.74
N ASP F 49 0.06 21.60 26.12
CA ASP F 49 0.22 21.87 24.68
C ASP F 49 -0.65 23.03 24.21
N ASP F 50 -0.43 24.19 24.85
CA ASP F 50 -1.08 25.48 24.55
C ASP F 50 -2.55 25.61 24.92
N SER F 51 -3.41 24.64 24.48
CA SER F 51 -4.86 24.72 24.60
C SER F 51 -5.58 23.46 25.06
N ASN F 52 -4.86 22.37 25.32
CA ASN F 52 -5.51 21.11 25.69
C ASN F 52 -5.81 20.95 27.15
N ARG F 53 -7.04 20.60 27.43
CA ARG F 53 -7.53 20.39 28.77
C ARG F 53 -7.45 18.92 29.11
N PRO F 54 -6.74 18.52 30.19
CA PRO F 54 -6.78 17.11 30.61
C PRO F 54 -8.20 16.74 31.03
N SER F 55 -8.56 15.45 30.98
CA SER F 55 -9.89 14.98 31.39
C SER F 55 -10.11 15.32 32.87
N GLY F 56 -11.28 15.86 33.18
CA GLY F 56 -11.63 16.28 34.53
C GLY F 56 -11.38 17.73 34.84
N ILE F 57 -10.83 18.48 33.86
CA ILE F 57 -10.55 19.90 33.98
C ILE F 57 -11.74 20.67 33.36
N PRO F 58 -12.38 21.61 34.12
CA PRO F 58 -13.54 22.33 33.58
C PRO F 58 -13.28 23.11 32.30
N GLU F 59 -14.28 23.13 31.43
CA GLU F 59 -14.36 23.82 30.15
C GLU F 59 -13.93 25.31 30.23
N ARG F 60 -14.11 25.96 31.42
CA ARG F 60 -13.77 27.34 31.80
C ARG F 60 -12.31 27.68 31.51
N PHE F 61 -11.42 26.69 31.70
CA PHE F 61 -9.99 26.79 31.44
C PHE F 61 -9.74 26.58 29.97
N SER F 62 -9.06 27.53 29.35
CA SER F 62 -8.68 27.46 27.95
C SER F 62 -7.35 28.19 27.83
N GLY F 63 -6.62 27.88 26.78
CA GLY F 63 -5.33 28.50 26.57
C GLY F 63 -5.02 28.75 25.12
N SER F 64 -4.00 29.57 24.88
CA SER F 64 -3.51 29.88 23.55
C SER F 64 -2.04 30.27 23.64
N ASN F 65 -1.32 30.06 22.55
CA ASN F 65 0.09 30.38 22.43
C ASN F 65 0.37 30.69 20.98
N SER F 66 0.93 31.88 20.75
CA SER F 66 1.34 32.43 19.45
C SER F 66 2.35 33.52 19.70
N GLY F 67 3.33 33.60 18.81
CA GLY F 67 4.41 34.57 18.87
C GLY F 67 5.35 34.40 20.05
N ASN F 68 5.25 35.31 21.02
CA ASN F 68 6.08 35.32 22.24
C ASN F 68 5.21 35.17 23.48
N THR F 69 3.87 35.10 23.33
CA THR F 69 2.95 35.09 24.45
C THR F 69 1.95 33.93 24.53
N ALA F 70 1.93 33.22 25.68
CA ALA F 70 0.92 32.21 25.96
C ALA F 70 -0.05 32.84 26.96
N THR F 71 -1.33 32.51 26.84
CA THR F 71 -2.36 33.06 27.71
C THR F 71 -3.27 31.96 28.24
N LEU F 72 -3.49 31.96 29.55
CA LEU F 72 -4.43 31.06 30.21
C LEU F 72 -5.72 31.86 30.41
N THR F 73 -6.86 31.31 30.00
CA THR F 73 -8.13 32.00 30.17
C THR F 73 -9.06 31.19 31.06
N ILE F 74 -9.61 31.84 32.09
CA ILE F 74 -10.57 31.23 33.01
C ILE F 74 -11.84 32.07 32.95
N SER F 75 -12.87 31.58 32.26
CA SER F 75 -14.16 32.26 32.16
C SER F 75 -15.00 31.88 33.37
N GLY F 76 -15.86 32.80 33.82
CA GLY F 76 -16.71 32.61 34.99
C GLY F 76 -15.93 32.27 36.24
N THR F 77 -14.87 33.06 36.54
CA THR F 77 -13.99 32.89 37.68
C THR F 77 -14.73 32.86 39.04
N GLN F 78 -14.51 31.82 39.86
CA GLN F 78 -15.14 31.77 41.18
C GLN F 78 -14.07 31.65 42.27
N ALA F 79 -14.47 31.62 43.55
CA ALA F 79 -13.54 31.55 44.69
C ALA F 79 -12.58 30.38 44.63
N GLU F 80 -13.05 29.22 44.12
CA GLU F 80 -12.29 27.99 43.96
C GLU F 80 -11.15 28.07 42.94
N ASP F 81 -11.11 29.13 42.12
CA ASP F 81 -10.08 29.34 41.11
C ASP F 81 -8.92 30.14 41.68
N GLU F 82 -9.09 30.70 42.89
CA GLU F 82 -8.07 31.46 43.59
C GLU F 82 -6.94 30.49 43.88
N ALA F 83 -5.78 30.75 43.30
CA ALA F 83 -4.59 29.90 43.35
C ALA F 83 -3.42 30.60 42.67
N ASP F 84 -2.26 29.92 42.65
CA ASP F 84 -1.06 30.31 41.92
C ASP F 84 -1.07 29.53 40.60
N TYR F 85 -0.80 30.22 39.50
CA TYR F 85 -0.80 29.64 38.16
C TYR F 85 0.56 29.79 37.57
N TYR F 86 1.15 28.66 37.13
CA TYR F 86 2.49 28.63 36.54
C TYR F 86 2.42 28.14 35.12
N CYS F 87 3.03 28.88 34.20
CA CYS F 87 3.16 28.44 32.82
C CYS F 87 4.46 27.64 32.77
N SER F 88 4.56 26.71 31.84
CA SER F 88 5.75 25.87 31.68
C SER F 88 5.98 25.53 30.24
N ALA F 89 7.24 25.55 29.83
CA ALA F 89 7.71 25.16 28.50
C ALA F 89 9.19 24.81 28.58
N PHE F 90 9.61 23.83 27.79
CA PHE F 90 11.00 23.41 27.68
C PHE F 90 11.46 24.03 26.36
N THR F 91 12.15 25.18 26.50
CA THR F 91 12.64 26.03 25.42
C THR F 91 14.17 26.07 25.43
N HIS F 92 14.77 26.97 24.62
CA HIS F 92 16.21 27.21 24.53
C HIS F 92 16.72 27.97 25.78
N ASN F 93 15.78 28.69 26.48
CA ASN F 93 15.97 29.46 27.71
C ASN F 93 16.09 28.54 28.92
N SER F 94 16.89 28.93 29.94
CA SER F 94 17.13 28.16 31.18
C SER F 94 15.88 27.79 32.05
N ASP F 95 14.86 28.69 32.11
CA ASP F 95 13.64 28.51 32.91
C ASP F 95 12.51 27.69 32.28
N VAL F 96 12.20 26.55 32.95
CA VAL F 96 11.13 25.61 32.57
C VAL F 96 9.75 26.11 33.07
N PHE F 97 9.73 26.94 34.10
CA PHE F 97 8.49 27.50 34.64
C PHE F 97 8.58 29.00 34.66
N GLY F 98 7.42 29.64 34.56
CA GLY F 98 7.29 31.07 34.76
C GLY F 98 7.32 31.36 36.25
N GLY F 99 7.43 32.63 36.62
CA GLY F 99 7.48 33.06 38.02
C GLY F 99 6.21 32.86 38.82
N GLY F 100 5.10 32.61 38.14
CA GLY F 100 3.79 32.40 38.73
C GLY F 100 2.95 33.65 38.81
N THR F 101 1.63 33.45 38.82
CA THR F 101 0.64 34.51 38.98
C THR F 101 -0.36 34.07 40.02
N LYS F 102 -0.52 34.89 41.06
CA LYS F 102 -1.51 34.61 42.06
C LYS F 102 -2.83 35.21 41.59
N LEU F 103 -3.87 34.37 41.44
CA LEU F 103 -5.19 34.82 41.04
C LEU F 103 -6.01 35.09 42.29
N THR F 104 -6.51 36.33 42.41
CA THR F 104 -7.34 36.78 43.52
C THR F 104 -8.71 37.20 43.00
N VAL F 105 -9.75 36.92 43.78
CA VAL F 105 -11.13 37.26 43.45
C VAL F 105 -11.59 38.39 44.37
N LEU F 106 -12.07 39.50 43.75
CA LEU F 106 -12.59 40.69 44.42
C LEU F 106 -13.77 40.35 45.38
N PRO F 107 -14.00 41.14 46.46
CA PRO F 107 -13.40 42.45 46.80
C PRO F 107 -12.02 42.47 47.44
N LYS F 108 -11.29 43.55 47.15
CA LYS F 108 -9.98 43.80 47.72
C LYS F 108 -10.12 44.23 49.17
N SER F 109 -9.06 44.06 49.96
CA SER F 109 -9.08 44.37 51.38
C SER F 109 -7.81 45.11 51.79
N THR F 110 -7.97 46.28 52.43
CA THR F 110 -6.85 47.11 52.89
C THR F 110 -6.17 46.49 54.13
N PRO F 111 -4.84 46.58 54.29
CA PRO F 111 -4.20 46.00 55.47
C PRO F 111 -4.48 46.78 56.76
N THR F 112 -4.67 46.06 57.88
CA THR F 112 -4.85 46.66 59.19
C THR F 112 -3.50 46.51 59.90
N LEU F 113 -2.96 47.59 60.50
CA LEU F 113 -1.68 47.46 61.21
C LEU F 113 -1.88 47.39 62.72
N THR F 114 -1.00 46.66 63.38
CA THR F 114 -0.90 46.47 64.81
C THR F 114 0.59 46.55 65.09
N VAL F 115 1.01 47.55 65.87
CA VAL F 115 2.42 47.77 66.17
C VAL F 115 2.68 47.65 67.66
N PHE F 116 3.77 46.94 68.01
CA PHE F 116 4.13 46.73 69.40
C PHE F 116 5.50 47.26 69.75
N PRO F 117 5.63 47.95 70.90
CA PRO F 117 6.95 48.42 71.31
C PRO F 117 7.74 47.27 71.97
N PRO F 118 9.08 47.35 72.17
CA PRO F 118 9.77 46.26 72.87
C PRO F 118 9.28 46.09 74.32
N SER F 119 9.26 44.84 74.81
CA SER F 119 8.86 44.53 76.18
C SER F 119 9.98 45.01 77.15
N SER F 120 9.64 45.13 78.45
CA SER F 120 10.61 45.52 79.49
C SER F 120 11.63 44.38 79.62
N GLU F 121 11.15 43.11 79.52
CA GLU F 121 11.92 41.88 79.61
C GLU F 121 13.06 41.88 78.59
N GLU F 122 12.77 42.33 77.36
CA GLU F 122 13.75 42.42 76.29
C GLU F 122 14.71 43.59 76.48
N LEU F 123 14.21 44.75 76.92
CA LEU F 123 15.02 45.95 77.18
C LEU F 123 16.01 45.68 78.31
N LYS F 124 15.61 44.78 79.25
CA LYS F 124 16.36 44.26 80.41
C LYS F 124 17.52 43.37 79.91
N GLU F 125 17.41 42.84 78.67
CA GLU F 125 18.43 42.01 78.00
C GLU F 125 19.27 42.90 77.06
N ASN F 126 19.06 44.24 77.15
CA ASN F 126 19.72 45.31 76.39
C ASN F 126 19.42 45.28 74.87
N LYS F 127 18.29 44.65 74.49
CA LYS F 127 17.83 44.55 73.10
C LYS F 127 16.42 45.10 72.93
N ALA F 128 16.03 45.43 71.68
CA ALA F 128 14.70 45.98 71.38
C ALA F 128 14.19 45.58 70.00
N THR F 129 13.04 44.88 69.95
CA THR F 129 12.41 44.42 68.70
C THR F 129 11.03 45.06 68.56
N LEU F 130 10.85 45.79 67.46
CA LEU F 130 9.61 46.49 67.12
C LEU F 130 8.81 45.57 66.19
N VAL F 131 7.57 45.28 66.59
CA VAL F 131 6.69 44.33 65.90
C VAL F 131 5.60 45.03 65.11
N CYS F 132 5.47 44.69 63.82
CA CYS F 132 4.42 45.22 62.94
C CYS F 132 3.66 44.06 62.32
N LEU F 133 2.39 43.93 62.71
CA LEU F 133 1.49 42.87 62.26
C LEU F 133 0.51 43.37 61.22
N ILE F 134 0.65 42.88 59.98
CA ILE F 134 -0.17 43.26 58.82
C ILE F 134 -1.22 42.16 58.54
N SER F 135 -2.50 42.49 58.73
CA SER F 135 -3.58 41.54 58.54
C SER F 135 -4.74 42.08 57.72
N ASN F 136 -5.70 41.20 57.40
CA ASN F 136 -6.92 41.48 56.65
C ASN F 136 -6.73 42.16 55.28
N PHE F 137 -5.67 41.78 54.56
CA PHE F 137 -5.40 42.33 53.24
C PHE F 137 -5.54 41.33 52.11
N SER F 138 -6.05 41.80 50.96
CA SER F 138 -6.27 41.02 49.74
C SER F 138 -6.19 41.99 48.55
N PRO F 139 -5.34 41.76 47.53
CA PRO F 139 -4.44 40.60 47.32
C PRO F 139 -3.18 40.58 48.19
N SER F 140 -2.31 39.57 47.97
CA SER F 140 -1.07 39.25 48.68
C SER F 140 0.00 40.34 48.77
N GLY F 141 0.18 41.08 47.68
CA GLY F 141 1.25 42.06 47.53
C GLY F 141 1.27 43.22 48.49
N VAL F 142 2.31 43.26 49.35
CA VAL F 142 2.59 44.34 50.30
C VAL F 142 4.07 44.73 50.27
N THR F 143 4.34 46.01 50.50
CA THR F 143 5.69 46.57 50.59
C THR F 143 5.81 47.19 51.97
N VAL F 144 6.82 46.78 52.74
CA VAL F 144 7.01 47.28 54.10
C VAL F 144 8.28 48.10 54.24
N ALA F 145 8.15 49.31 54.77
CA ALA F 145 9.25 50.24 55.04
C ALA F 145 9.13 50.73 56.49
N TRP F 146 10.26 50.85 57.18
CA TRP F 146 10.30 51.37 58.56
C TRP F 146 10.99 52.73 58.54
N LYS F 147 10.63 53.61 59.48
CA LYS F 147 11.24 54.92 59.59
C LYS F 147 11.53 55.29 61.04
N ALA F 148 12.78 55.67 61.33
CA ALA F 148 13.20 56.15 62.64
C ALA F 148 12.91 57.66 62.59
N ASN F 149 11.94 58.13 63.41
CA ASN F 149 11.40 59.50 63.45
C ASN F 149 10.61 59.72 62.14
N GLY F 150 11.33 60.15 61.10
CA GLY F 150 10.82 60.37 59.75
C GLY F 150 11.83 59.88 58.73
N THR F 151 13.07 59.59 59.19
CA THR F 151 14.20 59.11 58.39
C THR F 151 13.97 57.64 57.98
N PRO F 152 14.18 57.25 56.70
CA PRO F 152 13.98 55.82 56.35
C PRO F 152 15.10 54.92 56.87
N ILE F 153 14.72 53.76 57.45
CA ILE F 153 15.66 52.75 57.94
C ILE F 153 15.42 51.37 57.36
N THR F 154 16.42 50.86 56.64
CA THR F 154 16.44 49.56 55.98
C THR F 154 17.44 48.64 56.68
N GLN F 155 17.92 49.09 57.87
CA GLN F 155 18.90 48.43 58.73
C GLN F 155 18.18 47.68 59.88
N GLY F 156 18.37 46.35 59.93
CA GLY F 156 17.79 45.46 60.94
C GLY F 156 16.35 45.02 60.70
N VAL F 157 15.81 45.30 59.49
CA VAL F 157 14.46 45.03 59.02
C VAL F 157 14.29 43.63 58.42
N ASP F 158 13.30 42.87 58.93
CA ASP F 158 12.97 41.54 58.45
C ASP F 158 11.47 41.43 58.26
N THR F 159 11.04 41.30 57.00
CA THR F 159 9.64 41.21 56.60
C THR F 159 9.29 39.79 56.09
N SER F 160 8.19 39.22 56.61
CA SER F 160 7.74 37.88 56.23
C SER F 160 7.06 37.90 54.85
N ASN F 161 6.91 36.71 54.25
CA ASN F 161 6.18 36.54 53.00
C ASN F 161 4.70 36.51 53.44
N PRO F 162 3.73 36.95 52.61
CA PRO F 162 2.32 36.86 53.06
C PRO F 162 1.81 35.42 53.05
N THR F 163 0.80 35.14 53.87
CA THR F 163 0.18 33.83 53.99
C THR F 163 -1.33 33.93 54.07
N LYS F 164 -2.03 32.92 53.50
CA LYS F 164 -3.49 32.79 53.43
C LYS F 164 -4.11 32.37 54.78
N GLU F 165 -4.70 33.34 55.50
CA GLU F 165 -5.38 33.13 56.79
C GLU F 165 -6.62 32.24 56.57
N GLY F 166 -7.35 32.55 55.49
CA GLY F 166 -8.54 31.85 55.02
C GLY F 166 -8.75 32.29 53.59
N ASN F 167 -9.44 33.44 53.41
CA ASN F 167 -9.66 34.05 52.11
C ASN F 167 -8.93 35.41 52.02
N LYS F 168 -8.34 35.85 53.15
CA LYS F 168 -7.53 37.07 53.27
C LYS F 168 -6.06 36.68 53.56
N PHE F 169 -5.14 37.66 53.53
CA PHE F 169 -3.71 37.45 53.76
C PHE F 169 -3.18 38.16 55.01
N MET F 170 -2.07 37.64 55.56
CA MET F 170 -1.38 38.17 56.74
C MET F 170 0.13 38.13 56.57
N ALA F 171 0.81 39.16 57.08
CA ALA F 171 2.27 39.26 57.03
C ALA F 171 2.76 39.97 58.29
N SER F 172 4.06 39.89 58.55
CA SER F 172 4.66 40.52 59.71
C SER F 172 6.00 41.18 59.35
N SER F 173 6.38 42.20 60.10
CA SER F 173 7.65 42.87 59.91
C SER F 173 8.26 43.19 61.25
N PHE F 174 9.58 43.03 61.35
CA PHE F 174 10.31 43.27 62.57
C PHE F 174 11.46 44.23 62.33
N LEU F 175 11.68 45.13 63.29
CA LEU F 175 12.80 46.07 63.27
C LEU F 175 13.61 45.86 64.55
N HIS F 176 14.77 45.18 64.43
CA HIS F 176 15.64 44.92 65.57
C HIS F 176 16.70 45.99 65.75
N LEU F 177 16.83 46.46 67.00
CA LEU F 177 17.78 47.49 67.41
C LEU F 177 18.23 47.34 68.88
N THR F 178 19.23 48.15 69.28
CA THR F 178 19.77 48.21 70.65
C THR F 178 18.73 48.96 71.49
N SER F 179 18.63 48.64 72.80
CA SER F 179 17.75 49.36 73.73
C SER F 179 18.09 50.87 73.71
N ASP F 180 19.39 51.21 73.47
CA ASP F 180 19.92 52.56 73.35
C ASP F 180 19.38 53.25 72.08
N GLN F 181 19.37 52.51 70.95
CA GLN F 181 18.85 52.97 69.64
C GLN F 181 17.34 53.24 69.72
N TRP F 182 16.61 52.44 70.54
CA TRP F 182 15.17 52.58 70.79
C TRP F 182 14.94 53.89 71.55
N ARG F 183 15.65 54.07 72.67
CA ARG F 183 15.58 55.23 73.56
C ARG F 183 15.98 56.56 72.90
N SER F 184 17.05 56.57 72.07
CA SER F 184 17.57 57.77 71.38
C SER F 184 16.62 58.47 70.41
N HIS F 185 15.79 57.72 69.67
CA HIS F 185 14.85 58.30 68.69
C HIS F 185 13.52 58.69 69.32
N ASN F 186 12.84 59.68 68.70
CA ASN F 186 11.54 60.22 69.14
C ASN F 186 10.37 59.32 68.77
N SER F 187 10.41 58.78 67.54
CA SER F 187 9.38 57.88 67.01
C SER F 187 9.98 56.84 66.06
N PHE F 188 9.15 55.85 65.70
CA PHE F 188 9.43 54.77 64.75
C PHE F 188 8.13 54.50 64.01
N THR F 189 8.21 54.31 62.69
CA THR F 189 7.01 54.08 61.87
C THR F 189 7.08 52.84 61.01
N CYS F 190 6.00 52.05 61.00
CA CYS F 190 5.87 50.90 60.12
C CYS F 190 4.94 51.38 59.00
N GLN F 191 5.46 51.44 57.77
CA GLN F 191 4.70 51.87 56.60
C GLN F 191 4.49 50.71 55.63
N VAL F 192 3.21 50.38 55.35
CA VAL F 192 2.82 49.28 54.47
C VAL F 192 2.14 49.79 53.20
N THR F 193 2.72 49.48 52.03
CA THR F 193 2.19 49.83 50.70
C THR F 193 1.44 48.62 50.11
N HIS F 194 0.13 48.78 49.84
CA HIS F 194 -0.75 47.73 49.30
C HIS F 194 -1.70 48.32 48.27
N GLU F 195 -1.52 47.92 46.98
CA GLU F 195 -2.31 48.36 45.82
C GLU F 195 -2.16 49.88 45.61
N GLY F 196 -0.94 50.38 45.80
CA GLY F 196 -0.59 51.80 45.67
C GLY F 196 -1.01 52.69 46.82
N ASP F 197 -1.53 52.10 47.91
CA ASP F 197 -1.97 52.86 49.09
C ASP F 197 -1.07 52.59 50.28
N THR F 198 -0.74 53.64 51.07
CA THR F 198 0.09 53.47 52.27
C THR F 198 -0.75 53.50 53.55
N VAL F 199 -0.33 52.68 54.52
CA VAL F 199 -0.93 52.55 55.85
C VAL F 199 0.28 52.69 56.81
N GLU F 200 0.10 53.48 57.89
CA GLU F 200 1.15 53.75 58.88
C GLU F 200 0.63 53.65 60.30
N LYS F 201 1.51 53.26 61.22
CA LYS F 201 1.29 53.25 62.67
C LYS F 201 2.64 53.56 63.29
N SER F 202 2.66 54.40 64.33
CA SER F 202 3.91 54.80 64.96
C SER F 202 4.03 54.39 66.41
N LEU F 203 5.28 54.34 66.91
CA LEU F 203 5.65 53.98 68.27
C LEU F 203 6.57 55.05 68.83
N SER F 204 6.37 55.43 70.10
CA SER F 204 7.21 56.45 70.76
C SER F 204 7.79 55.96 72.09
N PRO F 205 9.13 55.99 72.32
CA PRO F 205 9.67 55.54 73.62
C PRO F 205 9.37 56.49 74.79
#